data_8JGW
#
_entry.id   8JGW
#
_cell.length_a   86.800
_cell.length_b   97.080
_cell.length_c   144.110
_cell.angle_alpha   90.00
_cell.angle_beta   90.00
_cell.angle_gamma   90.00
#
_symmetry.space_group_name_H-M   'P 21 21 21'
#
loop_
_entity.id
_entity.type
_entity.pdbx_description
1 polymer Exopolyphosphatase
2 non-polymer GLYCEROL
3 non-polymer 'POTASSIUM ION'
4 non-polymer 'MAGNESIUM ION'
5 water water
#
_entity_poly.entity_id   1
_entity_poly.type   'polypeptide(L)'
_entity_poly.pdbx_seq_one_letter_code
;MGSSHHHHHHSSGLVPRGSHMPINDNTPRPQEFAAVDLGSNSFHMVIARVVDGAMQIIGRLKQRVHLADGLDENSVLSEE
AMTRGLNCLSLFAERLQGFSPSSVCIVGTHTLRQATNAAEFLKRAEKVIPYPIEIISGNEEARLIFMGVEHTQPERGRKL
VIDIGGGSTELVIGEDFEPRLVESRRMGCVSFSQAYFPGGVINKENFQRARLAAVQKLETLAWQFRIQGWTVALGASGTI
KAAQEVLVAMGEKDGFITPERLEMLVSELLKHKNFDALSLPGLSEDRKAVFAPGLAILCGVFDALAIKELRLSDGALREG
VLYEMEGRFRHQDIRSRTAQSLANQYNIDREQARRVLETTTQMLEQWQEQNPKLANPHLAALLKWAVMLHEVGLNINHSG
MHRHSAYILQNSDLPGFNQEQQMLMATLVRYHRKAIKLDDLPRFTLFRKKQFLPLIQLLRLGVLLNNQRQATTTPPTLRL
QTEAHHWTLTFPHNWFSQNALVLLDLEKEQQYWEGVPEWMLKIAEEEPDA
;
_entity_poly.pdbx_strand_id   A,B
#
loop_
_chem_comp.id
_chem_comp.type
_chem_comp.name
_chem_comp.formula
GOL non-polymer GLYCEROL 'C3 H8 O3'
K non-polymer 'POTASSIUM ION' 'K 1'
MG non-polymer 'MAGNESIUM ION' 'Mg 2'
#
# COMPACT_ATOMS: atom_id res chain seq x y z
N ARG A 29 -1.34 -23.93 0.27
CA ARG A 29 -0.41 -23.10 1.04
C ARG A 29 0.90 -22.90 0.30
N PRO A 30 1.42 -21.68 0.32
CA PRO A 30 2.68 -21.40 -0.36
C PRO A 30 3.83 -22.15 0.27
N GLN A 31 4.78 -22.57 -0.56
CA GLN A 31 6.02 -23.19 -0.07
C GLN A 31 6.75 -22.24 0.86
N GLU A 32 7.20 -22.77 2.00
CA GLU A 32 7.99 -22.02 2.97
C GLU A 32 9.31 -22.72 3.23
N PHE A 33 10.36 -21.94 3.50
CA PHE A 33 11.62 -22.55 3.88
C PHE A 33 12.44 -21.57 4.72
N ALA A 34 13.48 -22.10 5.35
CA ALA A 34 14.30 -21.30 6.25
C ALA A 34 15.75 -21.43 5.80
N ALA A 35 16.45 -20.31 5.77
CA ALA A 35 17.89 -20.28 5.57
C ALA A 35 18.54 -19.83 6.87
N VAL A 36 19.55 -20.56 7.33
CA VAL A 36 20.18 -20.27 8.61
C VAL A 36 21.68 -20.15 8.35
N ASP A 37 22.23 -18.99 8.69
CA ASP A 37 23.64 -18.65 8.44
C ASP A 37 24.34 -18.54 9.79
N LEU A 38 25.21 -19.51 10.08
CA LEU A 38 25.96 -19.51 11.34
C LEU A 38 27.31 -18.91 11.02
N GLY A 39 27.37 -17.58 11.03
CA GLY A 39 28.54 -16.84 10.57
C GLY A 39 29.47 -16.41 11.71
N SER A 40 30.40 -15.52 11.35
CA SER A 40 31.47 -15.14 12.26
C SER A 40 31.04 -14.10 13.28
N ASN A 41 30.08 -13.25 12.92
CA ASN A 41 29.64 -12.15 13.77
C ASN A 41 28.24 -12.39 14.32
N SER A 42 27.34 -12.90 13.49
CA SER A 42 25.95 -13.13 13.87
C SER A 42 25.52 -14.51 13.43
N PHE A 43 24.59 -15.11 14.18
CA PHE A 43 23.78 -16.19 13.68
C PHE A 43 22.48 -15.58 13.19
N HIS A 44 22.05 -15.94 11.98
CA HIS A 44 20.95 -15.22 11.34
C HIS A 44 20.08 -16.22 10.60
N MET A 45 18.79 -16.27 10.97
CA MET A 45 17.82 -17.13 10.31
C MET A 45 16.79 -16.28 9.57
N VAL A 46 16.49 -16.66 8.32
CA VAL A 46 15.43 -16.03 7.54
C VAL A 46 14.45 -17.10 7.09
N ILE A 47 13.16 -16.82 7.23
CA ILE A 47 12.10 -17.69 6.81
C ILE A 47 11.29 -16.95 5.75
N ALA A 48 10.95 -17.64 4.67
CA ALA A 48 10.30 -17.03 3.52
C ALA A 48 9.24 -17.96 2.97
N ARG A 49 8.25 -17.38 2.31
CA ARG A 49 7.32 -18.14 1.50
C ARG A 49 7.40 -17.62 0.09
N VAL A 50 7.13 -18.47 -0.89
CA VAL A 50 7.16 -18.07 -2.30
C VAL A 50 5.74 -17.89 -2.80
N VAL A 51 5.42 -16.70 -3.29
CA VAL A 51 4.09 -16.35 -3.78
C VAL A 51 4.24 -15.55 -5.06
N ASP A 52 3.68 -16.08 -6.16
CA ASP A 52 3.65 -15.35 -7.44
C ASP A 52 5.05 -14.91 -7.87
N GLY A 53 6.03 -15.80 -7.72
CA GLY A 53 7.39 -15.49 -8.12
C GLY A 53 8.10 -14.47 -7.24
N ALA A 54 7.57 -14.17 -6.06
CA ALA A 54 8.20 -13.26 -5.12
C ALA A 54 8.67 -14.03 -3.88
N MET A 55 9.87 -13.68 -3.40
CA MET A 55 10.41 -14.21 -2.14
C MET A 55 9.88 -13.34 -1.01
N GLN A 56 8.80 -13.78 -0.35
CA GLN A 56 8.21 -13.00 0.73
C GLN A 56 8.80 -13.44 2.05
N ILE A 57 9.61 -12.58 2.67
CA ILE A 57 10.13 -12.87 3.99
C ILE A 57 8.97 -12.86 4.96
N ILE A 58 8.90 -13.88 5.83
CA ILE A 58 7.86 -13.94 6.86
C ILE A 58 8.42 -14.08 8.26
N GLY A 59 9.72 -14.24 8.42
CA GLY A 59 10.31 -14.25 9.75
C GLY A 59 11.79 -14.02 9.64
N ARG A 60 12.35 -13.39 10.67
CA ARG A 60 13.78 -13.12 10.72
C ARG A 60 14.22 -13.08 12.18
N LEU A 61 15.26 -13.82 12.51
CA LEU A 61 15.80 -13.89 13.86
C LEU A 61 17.32 -13.85 13.77
N LYS A 62 17.92 -12.92 14.52
CA LYS A 62 19.39 -12.79 14.47
C LYS A 62 19.95 -12.43 15.85
N GLN A 63 21.11 -12.99 16.17
CA GLN A 63 21.83 -12.64 17.39
C GLN A 63 23.31 -12.51 17.09
N ARG A 64 23.94 -11.51 17.70
CA ARG A 64 25.37 -11.28 17.53
C ARG A 64 26.13 -12.25 18.43
N VAL A 65 26.24 -13.49 17.96
CA VAL A 65 26.91 -14.53 18.74
C VAL A 65 28.40 -14.27 18.84
N HIS A 66 28.98 -13.58 17.85
CA HIS A 66 30.42 -13.33 17.79
C HIS A 66 31.22 -14.62 17.94
N LEU A 67 30.88 -15.61 17.12
CA LEU A 67 31.55 -16.90 17.23
C LEU A 67 33.04 -16.79 16.94
N ALA A 68 33.41 -15.93 15.98
CA ALA A 68 34.82 -15.79 15.59
C ALA A 68 35.65 -15.24 16.74
N ASP A 69 35.07 -14.39 17.58
CA ASP A 69 35.79 -13.88 18.74
C ASP A 69 36.24 -15.00 19.67
N GLY A 70 35.59 -16.17 19.60
CA GLY A 70 35.92 -17.29 20.47
C GLY A 70 37.08 -18.14 20.01
N LEU A 71 37.55 -17.96 18.77
CA LEU A 71 38.71 -18.71 18.27
C LEU A 71 39.98 -18.17 18.92
N ASP A 72 40.73 -19.05 19.60
CA ASP A 72 42.02 -18.64 20.14
C ASP A 72 43.10 -18.79 19.07
N GLU A 73 44.37 -18.66 19.48
CA GLU A 73 45.48 -18.67 18.52
C GLU A 73 45.64 -20.03 17.84
N ASN A 74 45.24 -21.11 18.52
CA ASN A 74 45.30 -22.44 17.96
C ASN A 74 44.01 -22.84 17.25
N SER A 75 43.11 -21.89 17.01
CA SER A 75 41.84 -22.13 16.31
C SER A 75 40.92 -23.06 17.10
N VAL A 76 41.00 -23.00 18.43
CA VAL A 76 40.06 -23.69 19.30
C VAL A 76 38.97 -22.71 19.68
N LEU A 77 37.72 -23.12 19.51
CA LEU A 77 36.56 -22.31 19.88
C LEU A 77 36.34 -22.36 21.39
N SER A 78 36.27 -21.20 22.03
CA SER A 78 36.09 -21.13 23.48
C SER A 78 34.71 -21.68 23.89
N GLU A 79 34.64 -22.10 25.17
CA GLU A 79 33.37 -22.51 25.75
C GLU A 79 32.37 -21.38 25.75
N GLU A 80 32.83 -20.15 26.00
CA GLU A 80 31.93 -19.01 26.05
C GLU A 80 31.26 -18.78 24.70
N ALA A 81 32.03 -18.90 23.61
CA ALA A 81 31.45 -18.69 22.29
C ALA A 81 30.50 -19.82 21.92
N MET A 82 30.90 -21.07 22.17
CA MET A 82 30.00 -22.19 21.94
C MET A 82 28.70 -22.02 22.71
N THR A 83 28.79 -21.55 23.96
CA THR A 83 27.59 -21.39 24.78
C THR A 83 26.66 -20.34 24.20
N ARG A 84 27.20 -19.20 23.74
CA ARG A 84 26.36 -18.20 23.08
C ARG A 84 25.73 -18.78 21.81
N GLY A 85 26.51 -19.54 21.04
CA GLY A 85 25.99 -20.10 19.81
C GLY A 85 24.90 -21.12 20.05
N LEU A 86 25.07 -21.97 21.07
CA LEU A 86 24.06 -22.96 21.36
C LEU A 86 22.79 -22.32 21.90
N ASN A 87 22.94 -21.26 22.71
CA ASN A 87 21.74 -20.57 23.18
C ASN A 87 20.97 -19.99 22.00
N CYS A 88 21.68 -19.41 21.01
CA CYS A 88 21.00 -18.88 19.84
C CYS A 88 20.32 -20.00 19.06
N LEU A 89 21.01 -21.14 18.88
CA LEU A 89 20.40 -22.24 18.14
C LEU A 89 19.16 -22.78 18.85
N SER A 90 19.13 -22.71 20.18
CA SER A 90 17.94 -23.19 20.88
C SER A 90 16.73 -22.30 20.61
N LEU A 91 16.97 -21.00 20.39
CA LEU A 91 15.90 -20.10 20.00
C LEU A 91 15.43 -20.38 18.57
N PHE A 92 16.39 -20.61 17.66
CA PHE A 92 16.04 -20.96 16.29
C PHE A 92 15.25 -22.26 16.26
N ALA A 93 15.68 -23.25 17.06
CA ALA A 93 14.98 -24.53 17.09
C ALA A 93 13.54 -24.37 17.57
N GLU A 94 13.30 -23.48 18.53
CA GLU A 94 11.93 -23.23 19.00
C GLU A 94 11.05 -22.70 17.87
N ARG A 95 11.61 -21.83 17.04
CA ARG A 95 10.86 -21.24 15.94
C ARG A 95 10.69 -22.21 14.77
N LEU A 96 11.53 -23.24 14.67
CA LEU A 96 11.48 -24.17 13.55
C LEU A 96 10.74 -25.46 13.89
N GLN A 97 10.13 -25.55 15.07
CA GLN A 97 9.35 -26.73 15.45
C GLN A 97 8.39 -27.11 14.34
N GLY A 98 8.48 -28.36 13.88
CA GLY A 98 7.59 -28.85 12.85
C GLY A 98 8.06 -28.68 11.43
N PHE A 99 9.16 -27.95 11.20
CA PHE A 99 9.66 -27.79 9.83
C PHE A 99 10.24 -29.09 9.32
N SER A 100 9.93 -29.42 8.08
CA SER A 100 10.57 -30.54 7.41
C SER A 100 12.05 -30.23 7.20
N PRO A 101 12.94 -31.21 7.37
CA PRO A 101 14.35 -30.97 7.08
C PRO A 101 14.59 -30.54 5.63
N SER A 102 13.71 -30.91 4.71
CA SER A 102 13.82 -30.49 3.32
C SER A 102 13.54 -29.01 3.14
N SER A 103 13.03 -28.34 4.17
CA SER A 103 12.68 -26.93 4.10
C SER A 103 13.58 -26.07 4.97
N VAL A 104 14.67 -26.64 5.48
CA VAL A 104 15.63 -25.95 6.34
C VAL A 104 17.03 -26.18 5.77
N CYS A 105 17.77 -25.10 5.59
CA CYS A 105 19.18 -25.20 5.22
C CYS A 105 20.00 -24.40 6.21
N ILE A 106 20.79 -25.09 7.03
CA ILE A 106 21.70 -24.47 7.98
C ILE A 106 23.13 -24.63 7.46
N VAL A 107 23.82 -23.51 7.26
CA VAL A 107 25.21 -23.52 6.78
C VAL A 107 26.12 -22.90 7.83
N GLY A 108 27.27 -23.53 8.05
CA GLY A 108 28.34 -22.95 8.85
C GLY A 108 29.45 -22.54 7.93
N THR A 109 30.02 -21.36 8.17
CA THR A 109 31.01 -20.86 7.24
C THR A 109 32.40 -20.87 7.89
N HIS A 110 33.22 -19.85 7.68
CA HIS A 110 34.65 -20.05 7.90
C HIS A 110 34.98 -20.32 9.37
N THR A 111 34.29 -19.68 10.32
CA THR A 111 34.63 -19.92 11.72
C THR A 111 34.53 -21.39 12.07
N LEU A 112 33.44 -22.04 11.65
CA LEU A 112 33.25 -23.46 11.94
C LEU A 112 34.14 -24.34 11.06
N ARG A 113 34.45 -23.88 9.85
CA ARG A 113 35.47 -24.56 9.05
C ARG A 113 36.81 -24.52 9.76
N GLN A 114 37.13 -23.39 10.41
CA GLN A 114 38.47 -23.17 10.95
C GLN A 114 38.65 -23.76 12.35
N ALA A 115 37.57 -23.87 13.13
CA ALA A 115 37.68 -24.36 14.51
C ALA A 115 38.13 -25.81 14.54
N THR A 116 39.19 -26.10 15.30
CA THR A 116 39.65 -27.47 15.39
C THR A 116 38.71 -28.31 16.25
N ASN A 117 37.87 -27.70 17.08
CA ASN A 117 36.83 -28.42 17.81
C ASN A 117 35.45 -28.19 17.23
N ALA A 118 35.36 -28.01 15.91
CA ALA A 118 34.05 -27.88 15.27
C ALA A 118 33.17 -29.09 15.52
N ALA A 119 33.77 -30.29 15.60
CA ALA A 119 32.97 -31.48 15.87
C ALA A 119 32.30 -31.39 17.23
N GLU A 120 32.98 -30.79 18.21
CA GLU A 120 32.37 -30.59 19.53
C GLU A 120 31.14 -29.68 19.44
N PHE A 121 31.25 -28.59 18.68
CA PHE A 121 30.09 -27.71 18.54
C PHE A 121 28.94 -28.44 17.86
N LEU A 122 29.23 -29.19 16.79
CA LEU A 122 28.16 -29.91 16.10
C LEU A 122 27.56 -31.00 16.99
N LYS A 123 28.39 -31.64 17.81
CA LYS A 123 27.87 -32.63 18.74
C LYS A 123 26.85 -32.00 19.69
N ARG A 124 27.17 -30.84 20.24
CA ARG A 124 26.26 -30.13 21.13
C ARG A 124 25.00 -29.69 20.39
N ALA A 125 25.17 -29.14 19.19
CA ALA A 125 24.02 -28.65 18.44
C ALA A 125 23.05 -29.76 18.07
N GLU A 126 23.54 -30.98 17.85
CA GLU A 126 22.64 -32.07 17.49
C GLU A 126 21.61 -32.32 18.60
N LYS A 127 21.96 -32.06 19.85
CA LYS A 127 21.01 -32.23 20.94
C LYS A 127 20.03 -31.09 21.07
N VAL A 128 20.22 -29.99 20.32
CA VAL A 128 19.48 -28.75 20.51
C VAL A 128 18.59 -28.44 19.31
N ILE A 129 19.14 -28.52 18.10
CA ILE A 129 18.39 -28.20 16.91
C ILE A 129 18.39 -29.44 16.01
N PRO A 130 17.23 -29.95 15.59
CA PRO A 130 17.19 -31.25 14.91
C PRO A 130 17.39 -31.16 13.40
N TYR A 131 18.28 -30.29 12.96
CA TYR A 131 18.62 -30.15 11.55
C TYR A 131 20.12 -30.15 11.44
N PRO A 132 20.67 -30.86 10.44
CA PRO A 132 22.13 -30.94 10.32
C PRO A 132 22.72 -29.57 9.98
N ILE A 133 23.90 -29.31 10.51
CA ILE A 133 24.64 -28.11 10.17
C ILE A 133 25.64 -28.47 9.08
N GLU A 134 25.51 -27.84 7.92
CA GLU A 134 26.41 -28.07 6.80
C GLU A 134 27.55 -27.07 6.86
N ILE A 135 28.74 -27.54 7.19
CA ILE A 135 29.92 -26.66 7.18
C ILE A 135 30.43 -26.66 5.75
N ILE A 136 30.39 -25.50 5.11
CA ILE A 136 30.65 -25.41 3.68
C ILE A 136 32.07 -24.93 3.45
N SER A 137 32.59 -25.23 2.26
CA SER A 137 33.96 -24.81 1.92
C SER A 137 33.98 -23.32 1.59
N GLY A 138 35.19 -22.75 1.58
CA GLY A 138 35.31 -21.36 1.18
C GLY A 138 34.86 -21.14 -0.25
N ASN A 139 35.08 -22.14 -1.11
CA ASN A 139 34.59 -22.11 -2.49
C ASN A 139 33.07 -22.08 -2.52
N GLU A 140 32.44 -22.94 -1.73
CA GLU A 140 30.98 -22.99 -1.69
C GLU A 140 30.41 -21.69 -1.11
N GLU A 141 31.07 -21.15 -0.08
CA GLU A 141 30.64 -19.89 0.52
C GLU A 141 30.73 -18.75 -0.49
N ALA A 142 31.87 -18.64 -1.19
CA ALA A 142 32.02 -17.61 -2.23
C ALA A 142 30.94 -17.73 -3.31
N ARG A 143 30.65 -18.96 -3.76
CA ARG A 143 29.62 -19.14 -4.77
C ARG A 143 28.24 -18.73 -4.27
N LEU A 144 27.94 -19.02 -3.00
CA LEU A 144 26.63 -18.66 -2.47
C LEU A 144 26.47 -17.16 -2.34
N ILE A 145 27.53 -16.46 -1.95
CA ILE A 145 27.49 -15.00 -1.89
C ILE A 145 27.25 -14.43 -3.28
N PHE A 146 28.03 -14.91 -4.26
CA PHE A 146 27.81 -14.47 -5.62
C PHE A 146 26.38 -14.73 -6.09
N MET A 147 25.83 -15.92 -5.77
CA MET A 147 24.49 -16.24 -6.24
C MET A 147 23.44 -15.33 -5.59
N GLY A 148 23.66 -14.93 -4.34
CA GLY A 148 22.75 -13.97 -3.71
C GLY A 148 22.82 -12.61 -4.38
N VAL A 149 24.02 -12.20 -4.77
CA VAL A 149 24.17 -10.97 -5.55
C VAL A 149 23.43 -11.10 -6.88
N GLU A 150 23.66 -12.20 -7.60
CA GLU A 150 23.08 -12.34 -8.94
C GLU A 150 21.56 -12.32 -8.91
N HIS A 151 20.96 -12.89 -7.86
CA HIS A 151 19.51 -12.95 -7.77
C HIS A 151 18.88 -11.63 -7.33
N THR A 152 19.65 -10.66 -6.84
CA THR A 152 19.04 -9.47 -6.24
C THR A 152 19.57 -8.13 -6.71
N GLN A 153 20.73 -8.05 -7.31
CA GLN A 153 21.32 -6.73 -7.42
C GLN A 153 21.03 -6.12 -8.78
N PRO A 154 21.03 -4.79 -8.90
CA PRO A 154 20.61 -4.14 -10.15
C PRO A 154 21.51 -4.43 -11.34
N GLU A 155 22.81 -4.54 -11.10
CA GLU A 155 23.76 -4.47 -12.19
C GLU A 155 23.83 -5.80 -12.94
N ARG A 156 23.72 -5.74 -14.26
CA ARG A 156 23.91 -6.90 -15.12
C ARG A 156 25.30 -6.87 -15.74
N GLY A 157 25.73 -8.03 -16.24
CA GLY A 157 27.09 -8.12 -16.83
C GLY A 157 28.07 -8.69 -15.82
N ARG A 158 29.36 -8.69 -16.16
CA ARG A 158 30.37 -9.28 -15.30
C ARG A 158 30.48 -8.47 -14.01
N LYS A 159 30.53 -9.14 -12.87
CA LYS A 159 30.56 -8.38 -11.60
C LYS A 159 31.61 -8.93 -10.64
N LEU A 160 32.28 -8.04 -9.92
CA LEU A 160 33.22 -8.43 -8.89
C LEU A 160 32.49 -8.35 -7.55
N VAL A 161 32.55 -9.44 -6.78
CA VAL A 161 31.85 -9.50 -5.50
C VAL A 161 32.92 -9.79 -4.44
N ILE A 162 33.01 -8.92 -3.43
CA ILE A 162 33.98 -9.03 -2.34
C ILE A 162 33.21 -9.19 -1.03
N ASP A 163 33.62 -10.16 -0.20
CA ASP A 163 33.02 -10.33 1.12
C ASP A 163 34.16 -10.53 2.12
N ILE A 164 34.37 -9.55 2.99
CA ILE A 164 35.36 -9.67 4.06
C ILE A 164 34.62 -10.10 5.32
N GLY A 165 34.92 -11.30 5.80
CA GLY A 165 34.30 -11.86 6.97
C GLY A 165 35.18 -11.75 8.21
N GLY A 166 34.86 -12.56 9.22
CA GLY A 166 35.63 -12.55 10.43
C GLY A 166 36.97 -13.25 10.32
N GLY A 167 37.06 -14.29 9.49
CA GLY A 167 38.28 -15.04 9.32
C GLY A 167 38.57 -15.45 7.89
N SER A 168 37.68 -15.11 6.96
CA SER A 168 37.90 -15.44 5.57
C SER A 168 37.40 -14.30 4.70
N THR A 169 38.01 -14.15 3.53
CA THR A 169 37.59 -13.18 2.53
C THR A 169 37.36 -13.91 1.21
N GLU A 170 36.23 -13.63 0.58
CA GLU A 170 35.88 -14.27 -0.69
C GLU A 170 35.86 -13.23 -1.78
N LEU A 171 36.34 -13.62 -2.96
CA LEU A 171 36.38 -12.75 -4.13
C LEU A 171 35.90 -13.58 -5.31
N VAL A 172 34.90 -13.06 -6.03
CA VAL A 172 34.30 -13.77 -7.16
C VAL A 172 34.14 -12.79 -8.30
N ILE A 173 34.41 -13.26 -9.52
CA ILE A 173 33.97 -12.59 -10.74
C ILE A 173 33.10 -13.59 -11.49
N GLY A 174 31.91 -13.14 -11.90
CA GLY A 174 31.06 -13.97 -12.73
C GLY A 174 30.00 -13.13 -13.41
N GLU A 175 29.17 -13.81 -14.20
CA GLU A 175 28.10 -13.18 -14.94
C GLU A 175 27.06 -14.22 -15.28
N ASP A 176 25.82 -13.78 -15.45
CA ASP A 176 24.71 -14.64 -15.88
C ASP A 176 24.59 -15.86 -14.99
N PHE A 177 24.62 -15.63 -13.67
CA PHE A 177 24.41 -16.67 -12.67
C PHE A 177 25.49 -17.74 -12.72
N GLU A 178 26.68 -17.37 -13.18
CA GLU A 178 27.78 -18.31 -13.34
C GLU A 178 29.07 -17.73 -12.81
N PRO A 179 29.61 -18.26 -11.71
CA PRO A 179 30.94 -17.82 -11.28
C PRO A 179 32.00 -18.25 -12.28
N ARG A 180 32.91 -17.33 -12.59
CA ARG A 180 34.04 -17.64 -13.43
C ARG A 180 35.33 -17.81 -12.63
N LEU A 181 35.69 -16.82 -11.83
CA LEU A 181 36.81 -16.90 -10.91
C LEU A 181 36.24 -16.92 -9.50
N VAL A 182 36.69 -17.88 -8.69
CA VAL A 182 36.19 -18.04 -7.32
C VAL A 182 37.39 -18.27 -6.40
N GLU A 183 37.56 -17.39 -5.41
CA GLU A 183 38.70 -17.47 -4.52
C GLU A 183 38.27 -17.14 -3.09
N SER A 184 38.89 -17.83 -2.14
CA SER A 184 38.71 -17.49 -0.74
C SER A 184 40.09 -17.49 -0.09
N ARG A 185 40.30 -16.53 0.82
CA ARG A 185 41.59 -16.37 1.49
C ARG A 185 41.36 -16.32 2.98
N ARG A 186 42.32 -16.86 3.74
CA ARG A 186 42.20 -16.93 5.20
C ARG A 186 42.67 -15.59 5.79
N MET A 187 41.81 -14.58 5.65
CA MET A 187 42.02 -13.30 6.31
C MET A 187 40.67 -12.66 6.57
N GLY A 188 40.53 -12.03 7.74
CA GLY A 188 39.28 -11.41 8.14
C GLY A 188 39.51 -10.46 9.28
N CYS A 189 38.45 -9.72 9.63
CA CYS A 189 38.61 -8.61 10.56
C CYS A 189 38.95 -9.10 11.96
N VAL A 190 38.43 -10.27 12.36
CA VAL A 190 38.76 -10.79 13.69
C VAL A 190 40.15 -11.39 13.71
N SER A 191 40.47 -12.24 12.72
CA SER A 191 41.75 -12.93 12.76
C SER A 191 42.92 -11.95 12.59
N PHE A 192 42.71 -10.85 11.84
CA PHE A 192 43.76 -9.85 11.73
C PHE A 192 43.85 -8.92 12.94
N SER A 193 42.87 -8.96 13.86
CA SER A 193 42.88 -8.04 15.00
C SER A 193 44.06 -8.31 15.91
N GLN A 194 44.15 -9.51 16.48
CA GLN A 194 45.24 -9.80 17.41
C GLN A 194 46.56 -9.94 16.68
N ALA A 195 46.53 -10.52 15.48
CA ALA A 195 47.78 -10.78 14.74
C ALA A 195 48.52 -9.49 14.45
N TYR A 196 47.82 -8.43 14.04
CA TYR A 196 48.47 -7.20 13.62
C TYR A 196 48.20 -6.01 14.52
N PHE A 197 47.20 -6.07 15.38
CA PHE A 197 46.90 -5.00 16.34
C PHE A 197 46.85 -5.60 17.75
N PRO A 198 47.96 -6.15 18.23
CA PRO A 198 47.95 -6.81 19.54
C PRO A 198 47.56 -5.83 20.64
N GLY A 199 46.70 -6.28 21.54
CA GLY A 199 46.20 -5.42 22.59
C GLY A 199 45.24 -4.35 22.12
N GLY A 200 44.95 -4.31 20.82
CA GLY A 200 44.00 -3.30 20.28
C GLY A 200 44.68 -1.98 19.99
N VAL A 201 46.01 -1.99 19.86
CA VAL A 201 46.78 -0.74 19.61
C VAL A 201 46.65 -0.34 18.14
N ILE A 202 46.37 0.94 17.88
CA ILE A 202 46.24 1.44 16.49
C ILE A 202 47.39 2.39 16.16
N ASN A 203 48.32 1.98 15.30
CA ASN A 203 49.36 2.87 14.81
C ASN A 203 49.56 2.57 13.33
N LYS A 204 50.29 3.46 12.65
CA LYS A 204 50.43 3.29 11.20
C LYS A 204 51.19 2.03 10.85
N GLU A 205 52.10 1.58 11.73
CA GLU A 205 52.93 0.42 11.42
C GLU A 205 52.13 -0.87 11.57
N ASN A 206 51.26 -0.96 12.58
CA ASN A 206 50.34 -2.09 12.67
C ASN A 206 49.42 -2.14 11.46
N PHE A 207 48.87 -0.99 11.08
CA PHE A 207 47.95 -0.96 9.96
C PHE A 207 48.64 -1.37 8.66
N GLN A 208 49.82 -0.81 8.41
CA GLN A 208 50.52 -1.15 7.17
C GLN A 208 50.91 -2.63 7.15
N ARG A 209 51.28 -3.21 8.30
CA ARG A 209 51.57 -4.64 8.33
C ARG A 209 50.34 -5.46 7.96
N ALA A 210 49.18 -5.12 8.53
CA ALA A 210 47.95 -5.80 8.16
C ALA A 210 47.63 -5.60 6.68
N ARG A 211 47.76 -4.37 6.19
CA ARG A 211 47.44 -4.08 4.79
C ARG A 211 48.34 -4.87 3.84
N LEU A 212 49.64 -4.90 4.11
CA LEU A 212 50.56 -5.63 3.24
C LEU A 212 50.34 -7.14 3.35
N ALA A 213 49.92 -7.63 4.52
CA ALA A 213 49.59 -9.05 4.62
C ALA A 213 48.42 -9.39 3.71
N ALA A 214 47.42 -8.50 3.65
CA ALA A 214 46.28 -8.75 2.77
C ALA A 214 46.69 -8.73 1.31
N VAL A 215 47.52 -7.75 0.91
CA VAL A 215 47.99 -7.73 -0.47
C VAL A 215 48.72 -9.03 -0.81
N GLN A 216 49.51 -9.54 0.13
CA GLN A 216 50.33 -10.71 -0.16
C GLN A 216 49.47 -11.95 -0.38
N LYS A 217 48.35 -12.06 0.35
CA LYS A 217 47.41 -13.15 0.10
C LYS A 217 46.69 -13.02 -1.23
N LEU A 218 46.64 -11.82 -1.80
CA LEU A 218 45.96 -11.60 -3.06
C LEU A 218 46.90 -11.58 -4.26
N GLU A 219 48.22 -11.71 -4.04
CA GLU A 219 49.21 -11.56 -5.10
C GLU A 219 48.93 -12.46 -6.29
N THR A 220 48.62 -13.73 -6.04
CA THR A 220 48.53 -14.68 -7.14
C THR A 220 47.21 -14.61 -7.89
N LEU A 221 46.20 -13.91 -7.36
CA LEU A 221 44.94 -13.73 -8.07
C LEU A 221 44.78 -12.33 -8.68
N ALA A 222 45.62 -11.37 -8.30
CA ALA A 222 45.33 -9.96 -8.58
C ALA A 222 45.22 -9.70 -10.08
N TRP A 223 46.21 -10.12 -10.85
CA TRP A 223 46.20 -9.83 -12.27
C TRP A 223 45.18 -10.66 -13.01
N GLN A 224 44.99 -11.92 -12.59
CA GLN A 224 43.92 -12.71 -13.18
C GLN A 224 42.56 -12.01 -13.05
N PHE A 225 42.29 -11.41 -11.89
CA PHE A 225 41.02 -10.72 -11.70
C PHE A 225 40.96 -9.43 -12.51
N ARG A 226 42.04 -8.64 -12.52
CA ARG A 226 42.01 -7.39 -13.30
C ARG A 226 41.80 -7.66 -14.77
N ILE A 227 42.36 -8.75 -15.29
CA ILE A 227 42.26 -9.06 -16.71
C ILE A 227 40.85 -9.54 -17.06
N GLN A 228 40.17 -10.24 -16.14
CA GLN A 228 38.77 -10.56 -16.39
C GLN A 228 37.92 -9.29 -16.39
N GLY A 229 38.16 -8.38 -15.45
CA GLY A 229 37.42 -7.14 -15.41
C GLY A 229 36.00 -7.32 -14.87
N TRP A 230 35.31 -6.20 -14.74
CA TRP A 230 33.97 -6.23 -14.17
C TRP A 230 33.26 -4.93 -14.52
N THR A 231 31.93 -5.01 -14.61
CA THR A 231 31.12 -3.81 -14.85
C THR A 231 30.88 -3.04 -13.57
N VAL A 232 30.88 -3.74 -12.44
CA VAL A 232 30.61 -3.13 -11.14
C VAL A 232 31.33 -3.97 -10.09
N ALA A 233 31.78 -3.33 -9.04
CA ALA A 233 32.36 -4.02 -7.89
C ALA A 233 31.40 -3.89 -6.73
N LEU A 234 31.04 -5.03 -6.13
CA LEU A 234 30.07 -5.07 -5.05
C LEU A 234 30.68 -5.73 -3.82
N GLY A 235 30.31 -5.23 -2.64
CA GLY A 235 30.83 -5.73 -1.40
C GLY A 235 29.71 -6.18 -0.48
N ALA A 236 30.03 -7.12 0.40
CA ALA A 236 29.03 -7.63 1.36
C ALA A 236 29.66 -7.84 2.74
N SER A 237 28.84 -8.01 3.77
CA SER A 237 29.31 -8.33 5.14
C SER A 237 29.65 -7.08 5.97
N GLY A 238 29.87 -7.27 7.27
CA GLY A 238 30.04 -6.13 8.20
C GLY A 238 31.16 -5.16 7.89
N THR A 239 32.35 -5.65 7.54
CA THR A 239 33.45 -4.69 7.39
C THR A 239 33.13 -3.66 6.31
N ILE A 240 32.65 -4.12 5.16
CA ILE A 240 32.34 -3.19 4.07
C ILE A 240 31.10 -2.37 4.42
N LYS A 241 30.10 -2.99 5.04
CA LYS A 241 28.93 -2.23 5.47
C LYS A 241 29.32 -1.13 6.45
N ALA A 242 30.23 -1.44 7.38
CA ALA A 242 30.68 -0.44 8.35
C ALA A 242 31.39 0.71 7.65
N ALA A 243 32.27 0.40 6.70
CA ALA A 243 32.97 1.44 5.97
C ALA A 243 31.99 2.35 5.24
N GLN A 244 30.96 1.77 4.64
CA GLN A 244 29.96 2.58 3.95
C GLN A 244 29.19 3.46 4.93
N GLU A 245 28.89 2.93 6.11
CA GLU A 245 28.13 3.71 7.09
C GLU A 245 28.95 4.86 7.66
N VAL A 246 30.25 4.65 7.89
CA VAL A 246 31.10 5.74 8.38
C VAL A 246 31.25 6.83 7.32
N LEU A 247 31.46 6.45 6.06
CA LEU A 247 31.56 7.44 5.00
C LEU A 247 30.29 8.28 4.89
N VAL A 248 29.12 7.61 4.86
CA VAL A 248 27.85 8.34 4.75
C VAL A 248 27.67 9.28 5.94
N ALA A 249 27.98 8.78 7.14
CA ALA A 249 27.87 9.60 8.33
C ALA A 249 28.86 10.75 8.33
N MET A 250 29.96 10.63 7.57
CA MET A 250 30.94 11.69 7.45
C MET A 250 30.66 12.62 6.28
N GLY A 251 29.50 12.52 5.65
CA GLY A 251 29.08 13.44 4.62
C GLY A 251 29.12 12.89 3.21
N GLU A 252 29.84 11.79 2.96
CA GLU A 252 29.88 11.17 1.63
C GLU A 252 28.58 10.39 1.44
N LYS A 253 27.53 11.13 1.05
CA LYS A 253 26.16 10.61 1.18
C LYS A 253 25.86 9.46 0.22
N ASP A 254 26.56 9.36 -0.91
CA ASP A 254 26.27 8.29 -1.86
C ASP A 254 26.76 6.92 -1.37
N GLY A 255 27.71 6.89 -0.44
CA GLY A 255 28.13 5.64 0.16
C GLY A 255 29.10 4.79 -0.63
N PHE A 256 29.47 5.21 -1.84
CA PHE A 256 30.44 4.44 -2.61
C PHE A 256 31.82 4.49 -1.95
N ILE A 257 32.47 3.34 -1.86
CA ILE A 257 33.82 3.25 -1.34
C ILE A 257 34.79 3.43 -2.50
N THR A 258 35.65 4.44 -2.42
CA THR A 258 36.64 4.79 -3.42
C THR A 258 38.01 4.85 -2.78
N PRO A 259 39.09 4.79 -3.59
CA PRO A 259 40.43 4.89 -2.99
C PRO A 259 40.66 6.17 -2.22
N GLU A 260 40.19 7.31 -2.73
CA GLU A 260 40.36 8.57 -2.01
C GLU A 260 39.56 8.58 -0.71
N ARG A 261 38.37 7.98 -0.72
CA ARG A 261 37.59 7.91 0.50
C ARG A 261 38.19 6.92 1.50
N LEU A 262 38.80 5.83 1.00
CA LEU A 262 39.53 4.93 1.88
C LEU A 262 40.71 5.63 2.54
N GLU A 263 41.40 6.49 1.78
CA GLU A 263 42.52 7.26 2.33
C GLU A 263 42.06 8.12 3.50
N MET A 264 40.93 8.81 3.33
CA MET A 264 40.39 9.63 4.41
C MET A 264 40.01 8.78 5.62
N LEU A 265 39.42 7.60 5.38
CA LEU A 265 39.08 6.70 6.47
C LEU A 265 40.31 6.28 7.26
N VAL A 266 41.37 5.90 6.54
CA VAL A 266 42.59 5.47 7.23
C VAL A 266 43.16 6.62 8.06
N SER A 267 43.10 7.85 7.52
CA SER A 267 43.64 9.00 8.23
C SER A 267 42.86 9.29 9.50
N GLU A 268 41.52 9.20 9.44
CA GLU A 268 40.73 9.38 10.65
C GLU A 268 40.94 8.21 11.62
N LEU A 269 41.07 6.99 11.09
CA LEU A 269 41.35 5.84 11.94
C LEU A 269 42.63 6.03 12.74
N LEU A 270 43.71 6.46 12.06
CA LEU A 270 45.02 6.54 12.69
C LEU A 270 45.14 7.71 13.66
N LYS A 271 44.11 8.55 13.78
CA LYS A 271 44.08 9.55 14.84
C LYS A 271 43.70 8.96 16.19
N HIS A 272 43.47 7.65 16.26
CA HIS A 272 43.11 6.96 17.48
C HIS A 272 44.25 6.01 17.88
N LYS A 273 44.47 5.89 19.19
CA LYS A 273 45.54 5.04 19.70
C LYS A 273 45.07 3.62 20.00
N ASN A 274 43.77 3.40 20.21
CA ASN A 274 43.29 2.08 20.60
C ASN A 274 41.87 1.90 20.07
N PHE A 275 41.49 0.64 19.91
CA PHE A 275 40.10 0.33 19.57
C PHE A 275 39.12 0.97 20.54
N ASP A 276 39.52 1.14 21.80
CA ASP A 276 38.62 1.67 22.81
C ASP A 276 38.33 3.14 22.58
N ALA A 277 39.27 3.88 22.00
CA ALA A 277 39.09 5.30 21.75
C ALA A 277 38.32 5.59 20.47
N LEU A 278 38.07 4.57 19.65
CA LEU A 278 37.47 4.80 18.33
C LEU A 278 36.12 5.49 18.45
N SER A 279 36.03 6.69 17.85
CA SER A 279 34.84 7.51 17.90
C SER A 279 34.53 8.06 16.50
N LEU A 280 34.57 7.19 15.50
CA LEU A 280 34.25 7.65 14.14
C LEU A 280 32.74 7.78 13.96
N PRO A 281 32.29 8.80 13.24
CA PRO A 281 30.86 8.94 12.95
C PRO A 281 30.33 7.72 12.20
N GLY A 282 29.18 7.22 12.63
CA GLY A 282 28.56 6.07 11.99
C GLY A 282 29.14 4.71 12.34
N LEU A 283 30.17 4.66 13.18
CA LEU A 283 30.77 3.40 13.58
C LEU A 283 30.03 2.86 14.79
N SER A 284 29.43 1.68 14.65
CA SER A 284 28.67 1.09 15.75
C SER A 284 29.61 0.56 16.83
N GLU A 285 29.06 0.40 18.04
CA GLU A 285 29.87 -0.18 19.12
C GLU A 285 30.28 -1.59 18.77
N ASP A 286 29.40 -2.33 18.11
CA ASP A 286 29.70 -3.71 17.73
C ASP A 286 30.93 -3.79 16.82
N ARG A 287 31.12 -2.79 15.95
CA ARG A 287 32.18 -2.85 14.95
C ARG A 287 33.49 -2.20 15.40
N LYS A 288 33.50 -1.50 16.55
CA LYS A 288 34.70 -0.75 16.94
C LYS A 288 35.93 -1.66 17.05
N ALA A 289 35.76 -2.85 17.63
CA ALA A 289 36.91 -3.71 17.92
C ALA A 289 37.48 -4.39 16.67
N VAL A 290 36.79 -4.36 15.53
CA VAL A 290 37.28 -5.01 14.33
C VAL A 290 37.40 -4.06 13.15
N PHE A 291 37.12 -2.77 13.33
CA PHE A 291 37.09 -1.85 12.19
C PHE A 291 38.49 -1.62 11.62
N ALA A 292 39.50 -1.46 12.49
CA ALA A 292 40.86 -1.24 11.97
C ALA A 292 41.37 -2.43 11.18
N PRO A 293 41.34 -3.67 11.68
CA PRO A 293 41.80 -4.79 10.85
C PRO A 293 40.95 -4.99 9.62
N GLY A 294 39.64 -4.76 9.71
CA GLY A 294 38.80 -4.88 8.53
C GLY A 294 39.17 -3.84 7.49
N LEU A 295 39.37 -2.59 7.92
CA LEU A 295 39.75 -1.53 6.99
C LEU A 295 41.08 -1.84 6.32
N ALA A 296 42.02 -2.43 7.07
CA ALA A 296 43.30 -2.80 6.48
C ALA A 296 43.12 -3.81 5.34
N ILE A 297 42.28 -4.82 5.56
CA ILE A 297 42.04 -5.82 4.52
C ILE A 297 41.34 -5.18 3.33
N LEU A 298 40.34 -4.33 3.59
CA LEU A 298 39.65 -3.65 2.50
C LEU A 298 40.63 -2.82 1.68
N CYS A 299 41.53 -2.09 2.33
CA CYS A 299 42.55 -1.35 1.60
C CYS A 299 43.45 -2.27 0.77
N GLY A 300 43.80 -3.42 1.33
CA GLY A 300 44.60 -4.37 0.58
C GLY A 300 43.87 -4.92 -0.64
N VAL A 301 42.57 -5.16 -0.50
CA VAL A 301 41.79 -5.60 -1.66
C VAL A 301 41.80 -4.53 -2.74
N PHE A 302 41.61 -3.26 -2.34
CA PHE A 302 41.64 -2.17 -3.32
C PHE A 302 43.01 -2.05 -3.99
N ASP A 303 44.10 -2.22 -3.21
CA ASP A 303 45.43 -2.13 -3.81
C ASP A 303 45.65 -3.27 -4.81
N ALA A 304 45.22 -4.48 -4.44
CA ALA A 304 45.46 -5.65 -5.29
C ALA A 304 44.65 -5.57 -6.59
N LEU A 305 43.39 -5.17 -6.50
CA LEU A 305 42.50 -5.22 -7.66
C LEU A 305 42.31 -3.87 -8.34
N ALA A 306 42.96 -2.82 -7.84
CA ALA A 306 42.85 -1.47 -8.41
C ALA A 306 41.39 -1.02 -8.57
N ILE A 307 40.56 -1.35 -7.56
CA ILE A 307 39.15 -0.98 -7.59
C ILE A 307 39.02 0.53 -7.49
N LYS A 308 38.12 1.11 -8.29
CA LYS A 308 37.86 2.54 -8.24
C LYS A 308 36.56 2.89 -7.52
N GLU A 309 35.56 2.01 -7.58
CA GLU A 309 34.28 2.23 -6.91
C GLU A 309 33.74 0.90 -6.44
N LEU A 310 33.39 0.80 -5.15
CA LEU A 310 32.80 -0.40 -4.59
C LEU A 310 31.48 -0.02 -3.92
N ARG A 311 30.40 -0.73 -4.28
CA ARG A 311 29.07 -0.46 -3.74
C ARG A 311 28.62 -1.61 -2.85
N LEU A 312 27.93 -1.28 -1.77
CA LEU A 312 27.48 -2.32 -0.86
C LEU A 312 26.29 -3.06 -1.46
N SER A 313 26.39 -4.39 -1.50
CA SER A 313 25.27 -5.22 -1.92
C SER A 313 24.46 -5.62 -0.70
N ASP A 314 23.13 -5.52 -0.79
CA ASP A 314 22.27 -5.98 0.27
C ASP A 314 21.85 -7.44 0.11
N GLY A 315 22.32 -8.11 -0.92
CA GLY A 315 22.12 -9.55 -1.10
C GLY A 315 23.44 -10.25 -1.05
N ALA A 316 23.47 -11.41 -0.39
CA ALA A 316 24.70 -12.14 -0.13
C ALA A 316 24.41 -13.60 0.20
N LEU A 317 25.13 -14.18 1.16
CA LEU A 317 25.04 -15.64 1.38
C LEU A 317 23.61 -16.10 1.65
N ARG A 318 22.91 -15.40 2.55
CA ARG A 318 21.55 -15.83 2.90
C ARG A 318 20.61 -15.77 1.69
N GLU A 319 20.78 -14.76 0.85
CA GLU A 319 19.96 -14.69 -0.35
C GLU A 319 20.36 -15.75 -1.36
N GLY A 320 21.64 -16.15 -1.39
CA GLY A 320 22.01 -17.27 -2.22
C GLY A 320 21.34 -18.56 -1.78
N VAL A 321 21.27 -18.80 -0.48
CA VAL A 321 20.57 -19.99 -0.01
C VAL A 321 19.09 -19.91 -0.37
N LEU A 322 18.46 -18.77 -0.08
CA LEU A 322 17.01 -18.65 -0.29
C LEU A 322 16.65 -18.70 -1.77
N TYR A 323 17.30 -17.86 -2.59
CA TYR A 323 16.88 -17.72 -3.97
C TYR A 323 17.35 -18.89 -4.83
N GLU A 324 18.59 -19.35 -4.62
CA GLU A 324 19.13 -20.38 -5.51
C GLU A 324 18.92 -21.78 -4.94
N MET A 325 19.38 -22.03 -3.72
CA MET A 325 19.34 -23.40 -3.22
C MET A 325 17.93 -23.84 -2.89
N GLU A 326 17.16 -22.96 -2.24
CA GLU A 326 15.85 -23.40 -1.77
C GLU A 326 14.73 -23.01 -2.74
N GLY A 327 14.66 -21.74 -3.11
CA GLY A 327 13.57 -21.28 -3.97
C GLY A 327 13.72 -21.67 -5.43
N ARG A 328 14.96 -21.84 -5.89
CA ARG A 328 15.24 -22.20 -7.29
C ARG A 328 14.64 -21.17 -8.25
N PHE A 329 14.83 -19.89 -7.92
CA PHE A 329 14.27 -18.83 -8.76
C PHE A 329 14.91 -18.80 -10.13
N ARG A 330 14.16 -18.29 -11.10
CA ARG A 330 14.55 -18.38 -12.50
C ARG A 330 15.80 -17.55 -12.79
N HIS A 331 16.68 -18.11 -13.61
CA HIS A 331 17.89 -17.41 -14.05
C HIS A 331 17.50 -16.57 -15.26
N GLN A 332 17.03 -15.35 -15.00
CA GLN A 332 16.70 -14.42 -16.06
C GLN A 332 17.04 -13.03 -15.58
N ASP A 333 16.93 -12.05 -16.48
CA ASP A 333 17.15 -10.67 -16.10
C ASP A 333 16.29 -10.33 -14.90
N ILE A 334 16.92 -9.80 -13.84
CA ILE A 334 16.26 -9.71 -12.55
C ILE A 334 15.14 -8.69 -12.56
N ARG A 335 15.37 -7.53 -13.21
CA ARG A 335 14.30 -6.53 -13.25
C ARG A 335 13.09 -7.07 -13.99
N SER A 336 13.30 -7.80 -15.09
CA SER A 336 12.18 -8.40 -15.82
C SER A 336 11.48 -9.45 -14.97
N ARG A 337 12.26 -10.26 -14.25
CA ARG A 337 11.65 -11.26 -13.37
C ARG A 337 10.81 -10.59 -12.29
N THR A 338 11.32 -9.52 -11.70
CA THR A 338 10.58 -8.79 -10.67
C THR A 338 9.33 -8.15 -11.26
N ALA A 339 9.45 -7.59 -12.47
CA ALA A 339 8.30 -6.98 -13.11
C ALA A 339 7.22 -8.02 -13.42
N GLN A 340 7.61 -9.19 -13.92
CA GLN A 340 6.63 -10.24 -14.16
C GLN A 340 5.95 -10.66 -12.87
N SER A 341 6.72 -10.77 -11.78
CA SER A 341 6.11 -11.07 -10.49
C SER A 341 5.10 -10.01 -10.09
N LEU A 342 5.48 -8.72 -10.19
CA LEU A 342 4.57 -7.64 -9.83
C LEU A 342 3.32 -7.66 -10.71
N ALA A 343 3.48 -7.98 -12.01
CA ALA A 343 2.31 -8.02 -12.88
C ALA A 343 1.31 -9.07 -12.42
N ASN A 344 1.80 -10.21 -11.92
CA ASN A 344 0.90 -11.22 -11.38
C ASN A 344 0.29 -10.78 -10.06
N GLN A 345 1.13 -10.31 -9.13
CA GLN A 345 0.63 -9.92 -7.81
C GLN A 345 -0.39 -8.81 -7.91
N TYR A 346 -0.18 -7.87 -8.83
CA TYR A 346 -0.93 -6.62 -8.83
C TYR A 346 -1.81 -6.47 -10.07
N ASN A 347 -2.03 -7.57 -10.80
CA ASN A 347 -3.03 -7.63 -11.87
C ASN A 347 -2.79 -6.52 -12.88
N ILE A 348 -1.52 -6.34 -13.25
CA ILE A 348 -1.18 -5.24 -14.17
C ILE A 348 -1.82 -5.50 -15.53
N ASP A 349 -2.59 -4.51 -16.00
CA ASP A 349 -3.11 -4.52 -17.36
C ASP A 349 -1.92 -4.35 -18.30
N ARG A 350 -1.50 -5.43 -18.95
CA ARG A 350 -0.27 -5.39 -19.76
C ARG A 350 -0.48 -4.60 -21.04
N GLU A 351 -1.68 -4.64 -21.60
CA GLU A 351 -1.94 -3.86 -22.81
C GLU A 351 -1.95 -2.37 -22.51
N GLN A 352 -2.44 -1.97 -21.33
CA GLN A 352 -2.34 -0.57 -20.92
C GLN A 352 -0.88 -0.17 -20.70
N ALA A 353 -0.13 -0.99 -19.98
CA ALA A 353 1.29 -0.73 -19.80
C ALA A 353 1.99 -0.55 -21.15
N ARG A 354 1.66 -1.41 -22.11
CA ARG A 354 2.34 -1.36 -23.39
C ARG A 354 2.02 -0.10 -24.18
N ARG A 355 0.75 0.33 -24.20
CA ARG A 355 0.42 1.53 -24.97
C ARG A 355 0.99 2.78 -24.30
N VAL A 356 1.03 2.81 -22.96
CA VAL A 356 1.71 3.92 -22.30
C VAL A 356 3.19 3.90 -22.62
N LEU A 357 3.79 2.69 -22.65
CA LEU A 357 5.21 2.61 -22.93
C LEU A 357 5.54 3.15 -24.32
N GLU A 358 4.70 2.81 -25.31
CA GLU A 358 4.96 3.24 -26.68
C GLU A 358 4.86 4.76 -26.80
N THR A 359 3.82 5.34 -26.22
CA THR A 359 3.66 6.80 -26.27
C THR A 359 4.80 7.50 -25.55
N THR A 360 5.10 7.05 -24.33
CA THR A 360 6.14 7.68 -23.54
C THR A 360 7.49 7.57 -24.22
N THR A 361 7.78 6.41 -24.81
CA THR A 361 9.10 6.19 -25.48
C THR A 361 9.20 7.13 -26.68
N GLN A 362 8.10 7.27 -27.44
CA GLN A 362 8.10 8.13 -28.65
C GLN A 362 8.45 9.57 -28.25
N MET A 363 7.88 10.06 -27.15
CA MET A 363 8.23 11.42 -26.70
C MET A 363 9.63 11.46 -26.08
N LEU A 364 9.99 10.43 -25.31
CA LEU A 364 11.31 10.40 -24.67
C LEU A 364 12.42 10.58 -25.70
N GLU A 365 12.32 9.87 -26.84
CA GLU A 365 13.38 9.92 -27.84
C GLU A 365 13.50 11.29 -28.47
N GLN A 366 12.38 12.00 -28.62
CA GLN A 366 12.44 13.36 -29.11
C GLN A 366 13.02 14.30 -28.07
N TRP A 367 12.62 14.12 -26.80
CA TRP A 367 13.20 14.94 -25.74
C TRP A 367 14.70 14.73 -25.65
N GLN A 368 15.16 13.46 -25.78
CA GLN A 368 16.58 13.15 -25.69
C GLN A 368 17.38 13.79 -26.81
N GLU A 369 16.85 13.76 -28.05
CA GLU A 369 17.56 14.38 -29.16
C GLU A 369 17.72 15.87 -28.95
N GLN A 370 16.70 16.50 -28.38
CA GLN A 370 16.71 17.94 -28.17
C GLN A 370 17.49 18.36 -26.93
N ASN A 371 17.77 17.42 -26.02
CA ASN A 371 18.46 17.71 -24.76
C ASN A 371 19.52 16.65 -24.48
N PRO A 372 20.55 16.55 -25.33
CA PRO A 372 21.51 15.44 -25.18
C PRO A 372 22.30 15.49 -23.88
N LYS A 373 22.49 16.69 -23.31
CA LYS A 373 23.24 16.81 -22.06
C LYS A 373 22.43 16.32 -20.86
N LEU A 374 21.10 16.31 -20.96
CA LEU A 374 20.24 15.79 -19.91
C LEU A 374 19.98 14.30 -20.04
N ALA A 375 20.22 13.72 -21.22
CA ALA A 375 19.93 12.31 -21.45
C ALA A 375 20.79 11.45 -20.54
N ASN A 376 20.15 10.52 -19.85
CA ASN A 376 20.79 9.61 -18.91
C ASN A 376 20.18 8.24 -19.15
N PRO A 377 20.95 7.26 -19.63
CA PRO A 377 20.35 5.97 -19.98
C PRO A 377 19.88 5.18 -18.77
N HIS A 378 20.48 5.37 -17.59
CA HIS A 378 20.00 4.67 -16.41
C HIS A 378 18.66 5.22 -15.96
N LEU A 379 18.50 6.54 -16.03
CA LEU A 379 17.23 7.17 -15.68
C LEU A 379 16.16 6.84 -16.72
N ALA A 380 16.55 6.75 -17.99
CA ALA A 380 15.58 6.38 -19.01
C ALA A 380 15.06 4.98 -18.76
N ALA A 381 15.93 4.05 -18.35
CA ALA A 381 15.49 2.71 -18.03
C ALA A 381 14.48 2.72 -16.89
N LEU A 382 14.74 3.53 -15.85
CA LEU A 382 13.82 3.58 -14.72
C LEU A 382 12.47 4.20 -15.11
N LEU A 383 12.49 5.22 -15.98
CA LEU A 383 11.23 5.74 -16.49
C LEU A 383 10.42 4.63 -17.13
N LYS A 384 11.07 3.78 -17.93
CA LYS A 384 10.32 2.71 -18.62
C LYS A 384 9.80 1.67 -17.64
N TRP A 385 10.59 1.30 -16.63
CA TRP A 385 10.05 0.42 -15.60
C TRP A 385 8.91 1.07 -14.84
N ALA A 386 8.98 2.39 -14.62
CA ALA A 386 7.89 3.07 -13.93
C ALA A 386 6.62 3.05 -14.77
N VAL A 387 6.77 3.13 -16.09
CA VAL A 387 5.61 2.93 -16.98
C VAL A 387 5.02 1.53 -16.79
N MET A 388 5.88 0.51 -16.81
CA MET A 388 5.40 -0.86 -16.65
C MET A 388 4.63 -1.04 -15.35
N LEU A 389 5.05 -0.33 -14.30
CA LEU A 389 4.55 -0.62 -12.96
C LEU A 389 3.62 0.47 -12.41
N HIS A 390 3.24 1.47 -13.22
CA HIS A 390 2.56 2.60 -12.61
C HIS A 390 1.17 2.27 -12.10
N GLU A 391 0.57 1.14 -12.51
CA GLU A 391 -0.76 0.77 -12.06
C GLU A 391 -0.75 -0.28 -10.94
N VAL A 392 0.40 -0.52 -10.31
CA VAL A 392 0.38 -1.54 -9.25
C VAL A 392 -0.59 -1.15 -8.13
N GLY A 393 -0.78 0.15 -7.90
CA GLY A 393 -1.66 0.59 -6.83
C GLY A 393 -3.14 0.59 -7.15
N LEU A 394 -3.52 0.16 -8.36
CA LEU A 394 -4.91 0.23 -8.80
C LEU A 394 -5.82 -0.73 -8.04
N ASN A 395 -5.26 -1.79 -7.46
CA ASN A 395 -6.06 -2.70 -6.64
C ASN A 395 -6.43 -2.09 -5.30
N ILE A 396 -5.61 -1.16 -4.80
CA ILE A 396 -5.99 -0.42 -3.60
C ILE A 396 -7.09 0.58 -3.92
N ASN A 397 -6.84 1.47 -4.88
CA ASN A 397 -7.92 2.40 -5.24
C ASN A 397 -7.57 3.09 -6.54
N HIS A 398 -8.60 3.30 -7.37
CA HIS A 398 -8.52 4.25 -8.47
C HIS A 398 -8.29 5.66 -7.94
N SER A 399 -8.95 6.01 -6.83
CA SER A 399 -8.78 7.32 -6.24
C SER A 399 -7.44 7.37 -5.51
N GLY A 400 -6.55 8.24 -5.98
CA GLY A 400 -5.21 8.30 -5.42
C GLY A 400 -4.29 7.20 -5.87
N MET A 401 -4.57 6.57 -7.03
CA MET A 401 -3.76 5.46 -7.49
C MET A 401 -2.29 5.83 -7.57
N HIS A 402 -1.98 7.05 -7.99
CA HIS A 402 -0.57 7.42 -8.13
C HIS A 402 0.15 7.35 -6.79
N ARG A 403 -0.54 7.71 -5.70
CA ARG A 403 0.03 7.56 -4.37
C ARG A 403 0.13 6.10 -3.95
N HIS A 404 -0.92 5.31 -4.20
CA HIS A 404 -0.89 3.91 -3.77
C HIS A 404 0.17 3.12 -4.54
N SER A 405 0.32 3.40 -5.83
CA SER A 405 1.39 2.74 -6.60
C SER A 405 2.75 3.12 -6.06
N ALA A 406 2.95 4.41 -5.76
CA ALA A 406 4.23 4.85 -5.23
C ALA A 406 4.50 4.21 -3.87
N TYR A 407 3.47 4.04 -3.05
CA TYR A 407 3.66 3.39 -1.76
C TYR A 407 4.17 1.98 -1.95
N ILE A 408 3.57 1.23 -2.88
CA ILE A 408 3.98 -0.15 -3.12
C ILE A 408 5.41 -0.19 -3.64
N LEU A 409 5.71 0.67 -4.62
CA LEU A 409 7.04 0.65 -5.23
C LEU A 409 8.12 1.06 -4.23
N GLN A 410 7.82 2.00 -3.34
CA GLN A 410 8.81 2.50 -2.39
C GLN A 410 9.08 1.51 -1.26
N ASN A 411 8.07 0.76 -0.85
CA ASN A 411 8.16 -0.05 0.35
C ASN A 411 8.34 -1.54 0.09
N SER A 412 8.23 -1.99 -1.16
CA SER A 412 8.39 -3.39 -1.46
C SER A 412 9.87 -3.78 -1.48
N ASP A 413 10.12 -5.08 -1.54
CA ASP A 413 11.46 -5.64 -1.69
C ASP A 413 11.58 -6.08 -3.15
N LEU A 414 12.25 -5.27 -3.96
CA LEU A 414 12.28 -5.48 -5.41
C LEU A 414 13.68 -5.89 -5.87
N PRO A 415 13.89 -7.17 -6.15
CA PRO A 415 15.18 -7.58 -6.75
C PRO A 415 15.43 -6.84 -8.06
N GLY A 416 16.67 -6.39 -8.25
CA GLY A 416 17.04 -5.64 -9.43
C GLY A 416 17.01 -4.13 -9.28
N PHE A 417 16.55 -3.63 -8.13
CA PHE A 417 16.49 -2.19 -7.88
C PHE A 417 17.04 -1.92 -6.50
N ASN A 418 18.03 -1.03 -6.40
CA ASN A 418 18.46 -0.62 -5.06
C ASN A 418 17.49 0.43 -4.53
N GLN A 419 17.74 0.89 -3.29
CA GLN A 419 16.79 1.80 -2.66
C GLN A 419 16.62 3.10 -3.46
N GLU A 420 17.72 3.68 -3.93
CA GLU A 420 17.63 4.92 -4.70
C GLU A 420 16.81 4.71 -5.97
N GLN A 421 17.11 3.64 -6.72
CA GLN A 421 16.36 3.36 -7.94
C GLN A 421 14.88 3.10 -7.66
N GLN A 422 14.58 2.37 -6.59
CA GLN A 422 13.20 2.22 -6.16
C GLN A 422 12.57 3.56 -5.83
N MET A 423 13.29 4.41 -5.09
CA MET A 423 12.72 5.69 -4.70
C MET A 423 12.46 6.55 -5.92
N LEU A 424 13.37 6.49 -6.90
CA LEU A 424 13.21 7.28 -8.12
C LEU A 424 11.98 6.82 -8.90
N MET A 425 11.85 5.50 -9.14
CA MET A 425 10.66 4.98 -9.78
C MET A 425 9.39 5.39 -9.05
N ALA A 426 9.34 5.15 -7.73
CA ALA A 426 8.18 5.54 -6.95
C ALA A 426 7.88 7.03 -7.06
N THR A 427 8.94 7.86 -7.16
CA THR A 427 8.74 9.30 -7.28
C THR A 427 8.14 9.67 -8.63
N LEU A 428 8.63 9.06 -9.72
CA LEU A 428 8.02 9.33 -11.02
C LEU A 428 6.54 8.98 -10.99
N VAL A 429 6.20 7.83 -10.40
CA VAL A 429 4.80 7.40 -10.36
C VAL A 429 3.99 8.33 -9.46
N ARG A 430 4.54 8.70 -8.31
CA ARG A 430 3.81 9.54 -7.38
C ARG A 430 3.43 10.87 -8.00
N TYR A 431 4.25 11.39 -8.91
CA TYR A 431 4.05 12.69 -9.53
C TYR A 431 3.32 12.63 -10.87
N HIS A 432 2.80 11.47 -11.27
CA HIS A 432 2.29 11.39 -12.64
C HIS A 432 0.83 11.82 -12.75
N ARG A 433 0.19 12.20 -11.64
CA ARG A 433 -1.19 12.68 -11.62
C ARG A 433 -1.30 13.84 -10.65
N LYS A 434 -2.30 14.70 -10.89
CA LYS A 434 -2.73 15.74 -9.96
C LYS A 434 -1.69 16.84 -9.80
N ALA A 435 -1.88 17.72 -8.83
CA ALA A 435 -1.01 18.89 -8.69
C ALA A 435 0.44 18.50 -8.46
N ILE A 436 1.35 19.29 -9.04
CA ILE A 436 2.79 19.05 -8.98
C ILE A 436 3.37 20.01 -7.95
N LYS A 437 3.93 19.47 -6.86
CA LYS A 437 4.56 20.29 -5.82
C LYS A 437 6.01 19.84 -5.71
N LEU A 438 6.90 20.57 -6.40
CA LEU A 438 8.29 20.13 -6.50
C LEU A 438 9.07 20.27 -5.20
N ASP A 439 8.55 20.99 -4.22
CA ASP A 439 9.22 21.08 -2.92
C ASP A 439 9.19 19.75 -2.18
N ASP A 440 8.22 18.88 -2.49
CA ASP A 440 8.07 17.60 -1.82
C ASP A 440 8.97 16.51 -2.39
N LEU A 441 9.84 16.85 -3.34
CA LEU A 441 10.68 15.84 -3.98
C LEU A 441 11.68 15.27 -2.98
N PRO A 442 11.92 13.96 -3.00
CA PRO A 442 13.01 13.39 -2.19
C PRO A 442 14.36 13.89 -2.67
N ARG A 443 15.32 13.86 -1.75
CA ARG A 443 16.72 14.12 -2.09
C ARG A 443 17.39 12.82 -2.47
N PHE A 444 18.02 12.79 -3.64
CA PHE A 444 18.73 11.63 -4.15
C PHE A 444 20.23 11.86 -4.03
N THR A 445 20.95 10.79 -3.73
CA THR A 445 22.40 10.89 -3.56
C THR A 445 23.12 10.97 -4.91
N LEU A 446 22.56 10.36 -5.94
CA LEU A 446 23.19 10.35 -7.25
C LEU A 446 22.37 11.09 -8.30
N PHE A 447 21.06 10.85 -8.36
CA PHE A 447 20.22 11.36 -9.44
C PHE A 447 20.03 12.87 -9.29
N ARG A 448 20.27 13.59 -10.38
CA ARG A 448 20.18 15.05 -10.41
C ARG A 448 18.81 15.49 -10.92
N LYS A 449 18.27 16.54 -10.29
CA LYS A 449 16.89 16.93 -10.56
C LYS A 449 16.71 17.38 -12.00
N LYS A 450 17.71 18.06 -12.57
CA LYS A 450 17.64 18.47 -13.97
C LYS A 450 17.43 17.30 -14.91
N GLN A 451 17.85 16.10 -14.52
CA GLN A 451 17.79 14.95 -15.40
C GLN A 451 16.53 14.11 -15.23
N PHE A 452 15.90 14.09 -14.04
CA PHE A 452 14.68 13.31 -13.89
C PHE A 452 13.39 14.12 -13.90
N LEU A 453 13.45 15.45 -13.71
CA LEU A 453 12.23 16.24 -13.85
C LEU A 453 11.59 16.08 -15.22
N PRO A 454 12.31 16.13 -16.35
CA PRO A 454 11.65 15.91 -17.65
C PRO A 454 11.05 14.52 -17.76
N LEU A 455 11.55 13.54 -16.99
CA LEU A 455 10.95 12.21 -16.97
C LEU A 455 9.58 12.24 -16.30
N ILE A 456 9.39 13.05 -15.26
CA ILE A 456 8.06 13.25 -14.69
C ILE A 456 7.11 13.80 -15.76
N GLN A 457 7.57 14.82 -16.49
CA GLN A 457 6.74 15.42 -17.53
C GLN A 457 6.36 14.39 -18.60
N LEU A 458 7.31 13.58 -19.01
CA LEU A 458 7.06 12.57 -20.04
C LEU A 458 6.09 11.49 -19.54
N LEU A 459 6.26 11.04 -18.29
CA LEU A 459 5.34 10.05 -17.75
C LEU A 459 3.93 10.63 -17.63
N ARG A 460 3.81 11.88 -17.20
CA ARG A 460 2.49 12.48 -17.08
C ARG A 460 1.78 12.51 -18.41
N LEU A 461 2.50 12.87 -19.48
CA LEU A 461 1.84 12.99 -20.77
C LEU A 461 1.57 11.62 -21.38
N GLY A 462 2.51 10.67 -21.22
CA GLY A 462 2.29 9.35 -21.76
C GLY A 462 1.10 8.64 -21.15
N VAL A 463 0.92 8.77 -19.83
CA VAL A 463 -0.24 8.18 -19.17
C VAL A 463 -1.51 8.91 -19.60
N LEU A 464 -1.47 10.25 -19.57
CA LEU A 464 -2.65 11.04 -19.96
C LEU A 464 -3.16 10.62 -21.32
N LEU A 465 -2.27 10.52 -22.30
CA LEU A 465 -2.68 10.26 -23.67
C LEU A 465 -3.18 8.83 -23.88
N ASN A 466 -3.12 7.99 -22.85
CA ASN A 466 -3.67 6.65 -22.90
C ASN A 466 -4.70 6.42 -21.81
N ASN A 467 -5.25 7.48 -21.24
CA ASN A 467 -6.08 7.29 -20.07
C ASN A 467 -7.48 6.78 -20.41
N GLN A 468 -7.82 6.66 -21.69
CA GLN A 468 -9.04 5.97 -22.10
C GLN A 468 -8.81 4.48 -22.33
N ARG A 469 -7.64 3.98 -21.95
CA ARG A 469 -7.34 2.54 -21.88
C ARG A 469 -7.55 1.93 -23.27
N GLN A 470 -8.28 0.82 -23.41
CA GLN A 470 -8.43 0.19 -24.72
C GLN A 470 -9.26 1.03 -25.69
N ALA A 471 -9.98 2.05 -25.18
CA ALA A 471 -10.70 2.98 -26.05
C ALA A 471 -9.82 4.08 -26.61
N THR A 472 -8.55 4.11 -26.21
CA THR A 472 -7.63 5.15 -26.66
C THR A 472 -7.60 5.25 -28.17
N THR A 473 -7.58 6.50 -28.68
CA THR A 473 -7.38 6.79 -30.10
C THR A 473 -5.97 7.32 -30.21
N THR A 474 -5.07 6.51 -30.77
CA THR A 474 -3.65 6.82 -30.81
C THR A 474 -3.37 7.72 -32.01
N PRO A 475 -2.83 8.92 -31.82
CA PRO A 475 -2.56 9.79 -32.97
C PRO A 475 -1.47 9.19 -33.84
N PRO A 476 -1.66 9.23 -35.16
CA PRO A 476 -0.63 8.66 -36.06
C PRO A 476 0.69 9.42 -36.03
N THR A 477 0.68 10.70 -35.68
CA THR A 477 1.91 11.45 -35.45
C THR A 477 1.78 12.23 -34.16
N LEU A 478 2.91 12.45 -33.51
CA LEU A 478 2.92 13.21 -32.26
C LEU A 478 4.30 13.84 -32.11
N ARG A 479 4.37 15.15 -32.28
CA ARG A 479 5.64 15.87 -32.28
C ARG A 479 5.79 16.63 -30.97
N LEU A 480 6.95 16.49 -30.34
CA LEU A 480 7.29 17.23 -29.13
C LEU A 480 8.44 18.18 -29.43
N GLN A 481 8.27 19.45 -29.05
CA GLN A 481 9.31 20.46 -29.14
C GLN A 481 9.53 21.03 -27.74
N THR A 482 10.80 21.19 -27.35
CA THR A 482 11.10 21.67 -26.01
C THR A 482 12.01 22.89 -26.07
N GLU A 483 11.69 23.89 -25.26
CA GLU A 483 12.58 25.00 -24.96
C GLU A 483 12.54 25.18 -23.45
N ALA A 484 13.56 24.67 -22.76
CA ALA A 484 13.58 24.56 -21.29
C ALA A 484 12.29 23.83 -20.89
N HIS A 485 11.51 24.35 -19.96
CA HIS A 485 10.32 23.65 -19.50
C HIS A 485 9.07 24.09 -20.24
N HIS A 486 9.22 24.78 -21.37
CA HIS A 486 8.11 25.10 -22.27
C HIS A 486 8.07 24.02 -23.35
N TRP A 487 7.02 23.19 -23.32
CA TRP A 487 6.89 22.06 -24.24
C TRP A 487 5.69 22.25 -25.13
N THR A 488 5.84 21.95 -26.42
CA THR A 488 4.75 22.02 -27.37
C THR A 488 4.50 20.61 -27.93
N LEU A 489 3.26 20.12 -27.76
CA LEU A 489 2.83 18.85 -28.32
C LEU A 489 1.95 19.12 -29.53
N THR A 490 2.34 18.61 -30.68
CA THR A 490 1.57 18.86 -31.90
C THR A 490 0.96 17.54 -32.39
N PHE A 491 -0.34 17.57 -32.60
CA PHE A 491 -1.13 16.44 -33.03
C PHE A 491 -1.49 16.61 -34.50
N PRO A 492 -1.98 15.55 -35.16
CA PRO A 492 -2.35 15.69 -36.57
C PRO A 492 -3.39 16.78 -36.81
N HIS A 493 -3.45 17.21 -38.06
CA HIS A 493 -4.43 18.21 -38.47
C HIS A 493 -5.84 17.72 -38.18
N ASN A 494 -6.63 18.57 -37.51
CA ASN A 494 -8.02 18.29 -37.16
C ASN A 494 -8.15 17.16 -36.14
N TRP A 495 -7.07 16.82 -35.45
CA TRP A 495 -7.10 15.70 -34.50
C TRP A 495 -8.21 15.89 -33.48
N PHE A 496 -8.29 17.07 -32.87
CA PHE A 496 -9.13 17.20 -31.68
C PHE A 496 -10.60 17.36 -32.02
N SER A 497 -10.94 17.55 -33.30
CA SER A 497 -12.35 17.54 -33.68
C SER A 497 -12.99 16.18 -33.44
N GLN A 498 -12.18 15.11 -33.36
CA GLN A 498 -12.66 13.76 -33.11
C GLN A 498 -12.30 13.25 -31.73
N ASN A 499 -11.65 14.06 -30.90
CA ASN A 499 -11.08 13.59 -29.63
C ASN A 499 -11.21 14.68 -28.57
N ALA A 500 -12.44 15.16 -28.37
CA ALA A 500 -12.67 16.27 -27.45
C ALA A 500 -12.27 15.90 -26.02
N LEU A 501 -12.48 14.65 -25.61
CA LEU A 501 -12.12 14.27 -24.25
C LEU A 501 -10.61 14.32 -24.03
N VAL A 502 -9.82 13.95 -25.05
CA VAL A 502 -8.36 14.11 -24.92
C VAL A 502 -8.03 15.57 -24.69
N LEU A 503 -8.68 16.46 -25.43
CA LEU A 503 -8.36 17.88 -25.31
C LEU A 503 -8.73 18.41 -23.93
N LEU A 504 -9.88 18.01 -23.39
CA LEU A 504 -10.24 18.43 -22.03
C LEU A 504 -9.17 18.00 -21.04
N ASP A 505 -8.72 16.75 -21.16
CA ASP A 505 -7.71 16.26 -20.23
C ASP A 505 -6.37 16.97 -20.44
N LEU A 506 -6.02 17.28 -21.69
CA LEU A 506 -4.79 18.04 -21.92
C LEU A 506 -4.91 19.46 -21.37
N GLU A 507 -6.09 20.07 -21.44
CA GLU A 507 -6.25 21.42 -20.91
C GLU A 507 -6.14 21.44 -19.40
N LYS A 508 -6.62 20.38 -18.75
CA LYS A 508 -6.39 20.22 -17.31
C LYS A 508 -4.91 20.14 -17.01
N GLU A 509 -4.17 19.34 -17.78
CA GLU A 509 -2.73 19.22 -17.57
C GLU A 509 -2.04 20.56 -17.79
N GLN A 510 -2.51 21.34 -18.77
CA GLN A 510 -1.91 22.66 -18.97
C GLN A 510 -2.05 23.50 -17.71
N GLN A 511 -3.19 23.41 -17.03
CA GLN A 511 -3.37 24.16 -15.79
C GLN A 511 -2.44 23.65 -14.69
N TYR A 512 -2.19 22.34 -14.64
CA TYR A 512 -1.25 21.82 -13.67
C TYR A 512 0.16 22.35 -13.93
N TRP A 513 0.61 22.38 -15.20
CA TRP A 513 1.93 22.90 -15.50
C TRP A 513 2.00 24.40 -15.22
N GLU A 514 0.90 25.12 -15.48
CA GLU A 514 0.84 26.53 -15.14
C GLU A 514 1.12 26.75 -13.66
N GLY A 515 0.77 25.77 -12.82
CA GLY A 515 1.03 25.85 -11.40
C GLY A 515 2.44 25.53 -10.98
N VAL A 516 3.31 25.14 -11.90
CA VAL A 516 4.72 24.91 -11.61
C VAL A 516 5.51 26.08 -12.19
N PRO A 517 6.20 26.87 -11.37
CA PRO A 517 7.03 27.95 -11.91
C PRO A 517 7.93 27.45 -13.03
N GLU A 518 7.95 28.21 -14.13
CA GLU A 518 8.77 28.03 -15.33
C GLU A 518 8.22 26.97 -16.28
N TRP A 519 7.17 26.23 -15.92
CA TRP A 519 6.64 25.21 -16.80
C TRP A 519 5.52 25.78 -17.67
N MET A 520 5.39 25.23 -18.88
CA MET A 520 4.31 25.64 -19.77
C MET A 520 4.09 24.53 -20.79
N LEU A 521 2.83 24.15 -20.99
CA LEU A 521 2.47 23.12 -21.95
C LEU A 521 1.57 23.74 -23.01
N LYS A 522 1.97 23.64 -24.27
CA LYS A 522 1.20 24.15 -25.40
C LYS A 522 0.77 23.00 -26.27
N ILE A 523 -0.48 23.05 -26.73
CA ILE A 523 -1.07 22.00 -27.55
C ILE A 523 -1.38 22.58 -28.92
N ALA A 524 -1.03 21.84 -29.97
CA ALA A 524 -1.14 22.34 -31.33
C ALA A 524 -1.53 21.19 -32.25
N GLU A 525 -1.95 21.57 -33.47
CA GLU A 525 -2.25 20.63 -34.53
C GLU A 525 -1.39 20.95 -35.75
N GLU A 526 -1.11 19.94 -36.57
CA GLU A 526 -0.34 20.19 -37.77
C GLU A 526 -1.13 21.03 -38.76
N GLU A 527 -0.41 21.64 -39.70
CA GLU A 527 -1.03 22.31 -40.83
C GLU A 527 -1.60 21.29 -41.81
N PRO A 528 -2.56 21.70 -42.66
CA PRO A 528 -3.08 20.82 -43.71
C PRO A 528 -2.06 20.52 -44.79
N ARG B 29 -8.00 -11.59 -19.47
CA ARG B 29 -8.37 -10.25 -19.04
C ARG B 29 -9.60 -10.29 -18.11
N PRO B 30 -9.55 -9.53 -17.02
CA PRO B 30 -10.70 -9.46 -16.12
C PRO B 30 -11.94 -8.90 -16.80
N GLN B 31 -13.10 -9.30 -16.29
CA GLN B 31 -14.38 -8.75 -16.73
C GLN B 31 -14.40 -7.24 -16.48
N GLU B 32 -14.89 -6.49 -17.49
CA GLU B 32 -14.92 -5.04 -17.44
C GLU B 32 -16.28 -4.56 -17.95
N PHE B 33 -16.83 -3.53 -17.30
CA PHE B 33 -18.15 -3.02 -17.71
C PHE B 33 -18.30 -1.57 -17.28
N ALA B 34 -19.32 -0.91 -17.84
CA ALA B 34 -19.59 0.50 -17.56
C ALA B 34 -21.03 0.64 -17.08
N ALA B 35 -21.21 1.44 -16.01
CA ALA B 35 -22.52 1.82 -15.51
C ALA B 35 -22.69 3.31 -15.76
N VAL B 36 -23.78 3.68 -16.46
CA VAL B 36 -24.01 5.07 -16.81
C VAL B 36 -25.37 5.49 -16.26
N ASP B 37 -25.38 6.54 -15.43
CA ASP B 37 -26.57 7.02 -14.74
C ASP B 37 -26.91 8.41 -15.28
N LEU B 38 -28.02 8.49 -16.03
CA LEU B 38 -28.47 9.76 -16.60
C LEU B 38 -29.52 10.32 -15.65
N GLY B 39 -29.07 11.09 -14.66
CA GLY B 39 -29.92 11.53 -13.57
C GLY B 39 -30.41 12.97 -13.74
N SER B 40 -31.11 13.43 -12.70
CA SER B 40 -31.73 14.76 -12.74
C SER B 40 -30.70 15.87 -12.63
N ASN B 41 -29.63 15.64 -11.88
CA ASN B 41 -28.60 16.63 -11.56
C ASN B 41 -27.32 16.44 -12.35
N SER B 42 -26.85 15.20 -12.44
CA SER B 42 -25.61 14.94 -13.15
C SER B 42 -25.76 13.68 -13.98
N PHE B 43 -24.94 13.60 -15.03
CA PHE B 43 -24.71 12.38 -15.80
C PHE B 43 -23.41 11.79 -15.29
N HIS B 44 -23.41 10.50 -14.94
CA HIS B 44 -22.26 9.93 -14.23
C HIS B 44 -21.99 8.55 -14.80
N MET B 45 -20.74 8.32 -15.25
CA MET B 45 -20.33 7.02 -15.76
C MET B 45 -19.22 6.44 -14.88
N VAL B 46 -19.37 5.17 -14.52
CA VAL B 46 -18.34 4.43 -13.82
C VAL B 46 -17.98 3.20 -14.63
N ILE B 47 -16.67 2.96 -14.77
CA ILE B 47 -16.13 1.81 -15.45
C ILE B 47 -15.33 1.01 -14.43
N ALA B 48 -15.52 -0.29 -14.42
CA ALA B 48 -14.89 -1.10 -13.39
C ALA B 48 -14.48 -2.43 -14.00
N ARG B 49 -13.49 -3.06 -13.37
CA ARG B 49 -13.13 -4.44 -13.66
C ARG B 49 -13.29 -5.25 -12.39
N VAL B 50 -13.50 -6.55 -12.55
CA VAL B 50 -13.71 -7.47 -11.42
C VAL B 50 -12.50 -8.38 -11.32
N VAL B 51 -11.80 -8.32 -10.20
CA VAL B 51 -10.61 -9.12 -9.94
C VAL B 51 -10.69 -9.69 -8.54
N ASP B 52 -10.57 -11.01 -8.42
CA ASP B 52 -10.57 -11.71 -7.12
C ASP B 52 -11.74 -11.30 -6.24
N GLY B 53 -12.91 -11.16 -6.85
CA GLY B 53 -14.09 -10.80 -6.09
C GLY B 53 -14.12 -9.37 -5.62
N ALA B 54 -13.26 -8.51 -6.17
CA ALA B 54 -13.22 -7.09 -5.84
C ALA B 54 -13.71 -6.28 -7.02
N MET B 55 -14.61 -5.33 -6.75
CA MET B 55 -15.00 -4.32 -7.73
C MET B 55 -13.92 -3.26 -7.81
N GLN B 56 -13.15 -3.23 -8.91
CA GLN B 56 -12.06 -2.27 -9.05
C GLN B 56 -12.48 -1.19 -10.04
N ILE B 57 -12.78 0.00 -9.53
CA ILE B 57 -13.10 1.12 -10.42
C ILE B 57 -11.83 1.47 -11.19
N ILE B 58 -11.97 1.69 -12.50
CA ILE B 58 -10.80 2.05 -13.30
C ILE B 58 -11.07 3.29 -14.12
N GLY B 59 -12.30 3.81 -14.06
CA GLY B 59 -12.62 5.03 -14.78
C GLY B 59 -13.87 5.66 -14.22
N ARG B 60 -13.89 6.98 -14.20
CA ARG B 60 -15.06 7.73 -13.76
C ARG B 60 -15.12 9.03 -14.54
N LEU B 61 -16.30 9.34 -15.09
CA LEU B 61 -16.56 10.59 -15.78
C LEU B 61 -17.94 11.09 -15.36
N LYS B 62 -18.04 12.37 -15.03
CA LYS B 62 -19.32 12.94 -14.63
C LYS B 62 -19.36 14.40 -15.06
N GLN B 63 -20.59 14.87 -15.32
CA GLN B 63 -20.86 16.27 -15.62
C GLN B 63 -22.20 16.65 -14.99
N ARG B 64 -22.27 17.87 -14.43
CA ARG B 64 -23.53 18.36 -13.86
C ARG B 64 -24.38 18.94 -14.98
N VAL B 65 -25.06 18.02 -15.68
CA VAL B 65 -25.87 18.37 -16.84
C VAL B 65 -27.14 19.14 -16.43
N HIS B 66 -27.64 18.92 -15.22
CA HIS B 66 -28.86 19.57 -14.74
C HIS B 66 -30.01 19.36 -15.71
N LEU B 67 -30.19 18.10 -16.12
CA LEU B 67 -31.23 17.79 -17.09
C LEU B 67 -32.61 18.17 -16.55
N ALA B 68 -32.83 18.01 -15.24
CA ALA B 68 -34.15 18.31 -14.68
C ALA B 68 -34.48 19.79 -14.73
N ASP B 69 -33.47 20.66 -14.72
CA ASP B 69 -33.72 22.09 -14.86
C ASP B 69 -34.36 22.46 -16.20
N GLY B 70 -34.24 21.59 -17.20
CA GLY B 70 -34.85 21.83 -18.50
C GLY B 70 -36.28 21.38 -18.66
N LEU B 71 -36.88 20.80 -17.62
CA LEU B 71 -38.28 20.40 -17.66
C LEU B 71 -39.16 21.61 -17.37
N ASP B 72 -40.08 21.92 -18.29
CA ASP B 72 -40.99 23.05 -18.09
C ASP B 72 -42.22 22.56 -17.31
N GLU B 73 -43.22 23.43 -17.15
CA GLU B 73 -44.40 23.07 -16.36
C GLU B 73 -45.20 21.97 -17.02
N ASN B 74 -45.15 21.87 -18.34
CA ASN B 74 -45.81 20.80 -19.08
C ASN B 74 -44.92 19.57 -19.23
N SER B 75 -43.83 19.48 -18.48
CA SER B 75 -42.92 18.34 -18.51
C SER B 75 -42.28 18.16 -19.88
N VAL B 76 -41.97 19.27 -20.54
CA VAL B 76 -41.24 19.25 -21.81
C VAL B 76 -39.79 19.64 -21.54
N LEU B 77 -38.86 18.83 -22.03
CA LEU B 77 -37.44 19.06 -21.86
C LEU B 77 -36.94 20.09 -22.88
N SER B 78 -36.29 21.15 -22.40
CA SER B 78 -35.78 22.20 -23.29
C SER B 78 -34.65 21.69 -24.17
N GLU B 79 -34.58 22.24 -25.39
CA GLU B 79 -33.48 21.87 -26.28
C GLU B 79 -32.12 22.23 -25.69
N GLU B 80 -32.06 23.29 -24.89
CA GLU B 80 -30.80 23.67 -24.24
C GLU B 80 -30.32 22.61 -23.26
N ALA B 81 -31.24 22.07 -22.45
CA ALA B 81 -30.89 20.99 -21.54
C ALA B 81 -30.50 19.73 -22.31
N MET B 82 -31.24 19.43 -23.38
CA MET B 82 -30.89 18.27 -24.20
C MET B 82 -29.47 18.39 -24.74
N THR B 83 -29.07 19.59 -25.17
CA THR B 83 -27.72 19.78 -25.71
C THR B 83 -26.65 19.59 -24.64
N ARG B 84 -26.90 20.06 -23.40
CA ARG B 84 -25.94 19.77 -22.33
C ARG B 84 -25.79 18.26 -22.15
N GLY B 85 -26.89 17.52 -22.26
CA GLY B 85 -26.84 16.09 -22.09
C GLY B 85 -26.17 15.39 -23.25
N LEU B 86 -26.42 15.86 -24.49
CA LEU B 86 -25.80 15.26 -25.66
C LEU B 86 -24.29 15.50 -25.66
N ASN B 87 -23.87 16.68 -25.22
CA ASN B 87 -22.45 16.96 -25.10
C ASN B 87 -21.78 15.97 -24.14
N CYS B 88 -22.42 15.75 -22.98
CA CYS B 88 -21.86 14.81 -22.02
C CYS B 88 -21.81 13.40 -22.59
N LEU B 89 -22.92 12.94 -23.19
CA LEU B 89 -22.95 11.60 -23.78
C LEU B 89 -21.89 11.42 -24.86
N SER B 90 -21.61 12.47 -25.63
CA SER B 90 -20.58 12.33 -26.67
C SER B 90 -19.20 12.09 -26.06
N LEU B 91 -18.92 12.68 -24.89
CA LEU B 91 -17.67 12.43 -24.20
C LEU B 91 -17.63 11.03 -23.59
N PHE B 92 -18.76 10.57 -23.02
CA PHE B 92 -18.81 9.19 -22.55
C PHE B 92 -18.56 8.24 -23.71
N ALA B 93 -19.13 8.53 -24.88
CA ALA B 93 -18.99 7.67 -26.04
C ALA B 93 -17.54 7.55 -26.47
N GLU B 94 -16.79 8.64 -26.37
CA GLU B 94 -15.39 8.63 -26.76
C GLU B 94 -14.62 7.64 -25.90
N ARG B 95 -14.94 7.61 -24.61
CA ARG B 95 -14.32 6.73 -23.64
C ARG B 95 -14.82 5.29 -23.77
N LEU B 96 -15.96 5.06 -24.42
CA LEU B 96 -16.55 3.73 -24.53
C LEU B 96 -16.30 3.11 -25.89
N GLN B 97 -15.52 3.75 -26.75
CA GLN B 97 -15.28 3.26 -28.10
C GLN B 97 -14.83 1.81 -28.09
N GLY B 98 -15.60 0.96 -28.77
CA GLY B 98 -15.27 -0.44 -28.88
C GLY B 98 -15.85 -1.32 -27.79
N PHE B 99 -16.53 -0.76 -26.79
CA PHE B 99 -17.14 -1.59 -25.74
C PHE B 99 -18.26 -2.43 -26.33
N SER B 100 -18.31 -3.69 -25.93
CA SER B 100 -19.42 -4.53 -26.33
C SER B 100 -20.71 -4.00 -25.71
N PRO B 101 -21.83 -4.00 -26.43
CA PRO B 101 -23.09 -3.50 -25.86
C PRO B 101 -23.46 -4.19 -24.56
N SER B 102 -23.12 -5.47 -24.42
CA SER B 102 -23.45 -6.19 -23.20
C SER B 102 -22.63 -5.71 -22.02
N SER B 103 -21.53 -4.98 -22.26
CA SER B 103 -20.69 -4.45 -21.21
C SER B 103 -21.03 -3.03 -20.80
N VAL B 104 -22.11 -2.46 -21.36
CA VAL B 104 -22.51 -1.10 -21.09
C VAL B 104 -23.96 -1.11 -20.66
N CYS B 105 -24.27 -0.46 -19.54
CA CYS B 105 -25.64 -0.31 -19.07
C CYS B 105 -25.89 1.17 -18.82
N ILE B 106 -26.71 1.80 -19.66
CA ILE B 106 -27.10 3.19 -19.47
C ILE B 106 -28.55 3.22 -19.00
N VAL B 107 -28.80 3.87 -17.87
CA VAL B 107 -30.14 3.98 -17.31
C VAL B 107 -30.54 5.44 -17.21
N GLY B 108 -31.80 5.70 -17.57
CA GLY B 108 -32.37 7.07 -17.41
C GLY B 108 -33.41 7.00 -16.31
N THR B 109 -33.57 8.06 -15.53
CA THR B 109 -34.48 7.99 -14.36
C THR B 109 -35.70 8.91 -14.52
N HIS B 110 -36.16 9.53 -13.42
CA HIS B 110 -37.40 10.34 -13.46
C HIS B 110 -37.39 11.37 -14.59
N THR B 111 -36.31 12.14 -14.70
CA THR B 111 -36.32 13.23 -15.71
C THR B 111 -36.74 12.68 -17.08
N LEU B 112 -36.19 11.53 -17.48
CA LEU B 112 -36.58 10.96 -18.77
C LEU B 112 -37.89 10.19 -18.70
N ARG B 113 -38.30 9.67 -17.53
CA ARG B 113 -39.64 9.13 -17.37
C ARG B 113 -40.70 10.22 -17.51
N GLN B 114 -40.43 11.40 -16.94
CA GLN B 114 -41.41 12.46 -16.86
C GLN B 114 -41.50 13.27 -18.14
N ALA B 115 -40.39 13.40 -18.86
CA ALA B 115 -40.36 14.28 -20.04
C ALA B 115 -41.32 13.77 -21.11
N THR B 116 -42.24 14.64 -21.56
CA THR B 116 -43.14 14.22 -22.63
C THR B 116 -42.40 14.03 -23.95
N ASN B 117 -41.26 14.71 -24.14
CA ASN B 117 -40.42 14.51 -25.32
C ASN B 117 -39.17 13.69 -25.01
N ALA B 118 -39.28 12.71 -24.11
CA ALA B 118 -38.15 11.83 -23.84
C ALA B 118 -37.71 11.09 -25.10
N ALA B 119 -38.67 10.72 -25.95
CA ALA B 119 -38.32 10.02 -27.18
C ALA B 119 -37.45 10.88 -28.07
N GLU B 120 -37.68 12.20 -28.07
CA GLU B 120 -36.83 13.12 -28.82
C GLU B 120 -35.39 13.10 -28.32
N PHE B 121 -35.19 13.11 -27.00
CA PHE B 121 -33.84 13.04 -26.47
C PHE B 121 -33.17 11.73 -26.86
N LEU B 122 -33.90 10.61 -26.74
CA LEU B 122 -33.34 9.32 -27.10
C LEU B 122 -32.97 9.28 -28.58
N LYS B 123 -33.80 9.85 -29.44
CA LYS B 123 -33.47 9.87 -30.87
C LYS B 123 -32.19 10.67 -31.11
N ARG B 124 -32.08 11.84 -30.49
CA ARG B 124 -30.86 12.64 -30.65
C ARG B 124 -29.64 11.96 -30.05
N ALA B 125 -29.83 11.25 -28.93
CA ALA B 125 -28.71 10.59 -28.27
C ALA B 125 -28.13 9.49 -29.13
N GLU B 126 -28.94 8.88 -30.01
CA GLU B 126 -28.42 7.91 -30.95
C GLU B 126 -27.32 8.47 -31.83
N LYS B 127 -27.32 9.78 -32.06
CA LYS B 127 -26.28 10.39 -32.88
C LYS B 127 -24.95 10.52 -32.16
N VAL B 128 -24.93 10.47 -30.83
CA VAL B 128 -23.71 10.75 -30.09
C VAL B 128 -23.23 9.58 -29.25
N ILE B 129 -24.04 8.56 -29.01
CA ILE B 129 -23.55 7.42 -28.25
C ILE B 129 -24.22 6.16 -28.77
N PRO B 130 -23.47 5.12 -29.11
CA PRO B 130 -24.06 3.98 -29.82
C PRO B 130 -24.57 2.89 -28.90
N TYR B 131 -25.00 3.25 -27.70
CA TYR B 131 -25.56 2.28 -26.78
C TYR B 131 -26.95 2.75 -26.35
N PRO B 132 -27.93 1.85 -26.24
CA PRO B 132 -29.29 2.27 -25.93
C PRO B 132 -29.41 2.81 -24.50
N ILE B 133 -30.34 3.73 -24.33
CA ILE B 133 -30.66 4.29 -23.01
C ILE B 133 -31.93 3.60 -22.54
N GLU B 134 -31.83 2.87 -21.44
CA GLU B 134 -33.01 2.22 -20.85
C GLU B 134 -33.63 3.15 -19.82
N ILE B 135 -34.83 3.63 -20.10
CA ILE B 135 -35.56 4.45 -19.13
C ILE B 135 -36.27 3.49 -18.19
N ILE B 136 -35.86 3.49 -16.93
CA ILE B 136 -36.36 2.51 -15.97
C ILE B 136 -37.51 3.10 -15.18
N SER B 137 -38.36 2.23 -14.64
CA SER B 137 -39.49 2.70 -13.87
C SER B 137 -39.03 3.20 -12.50
N GLY B 138 -39.92 3.92 -11.82
CA GLY B 138 -39.64 4.32 -10.46
C GLY B 138 -39.39 3.14 -9.55
N ASN B 139 -40.15 2.05 -9.74
CA ASN B 139 -39.92 0.87 -8.91
C ASN B 139 -38.61 0.18 -9.23
N GLU B 140 -38.20 0.13 -10.51
CA GLU B 140 -36.91 -0.47 -10.80
C GLU B 140 -35.78 0.42 -10.27
N GLU B 141 -35.94 1.73 -10.38
CA GLU B 141 -34.97 2.66 -9.79
C GLU B 141 -34.86 2.43 -8.28
N ALA B 142 -36.00 2.30 -7.60
CA ALA B 142 -35.97 2.03 -6.17
C ALA B 142 -35.22 0.73 -5.86
N ARG B 143 -35.49 -0.32 -6.63
CA ARG B 143 -34.85 -1.61 -6.34
C ARG B 143 -33.34 -1.53 -6.55
N LEU B 144 -32.91 -0.79 -7.58
CA LEU B 144 -31.47 -0.67 -7.82
C LEU B 144 -30.79 0.13 -6.73
N ILE B 145 -31.44 1.17 -6.19
CA ILE B 145 -30.86 1.91 -5.08
C ILE B 145 -30.74 1.01 -3.86
N PHE B 146 -31.79 0.23 -3.58
CA PHE B 146 -31.73 -0.72 -2.48
C PHE B 146 -30.60 -1.74 -2.69
N MET B 147 -30.48 -2.29 -3.91
CA MET B 147 -29.44 -3.29 -4.14
C MET B 147 -28.05 -2.67 -4.01
N GLY B 148 -27.90 -1.41 -4.39
CA GLY B 148 -26.61 -0.76 -4.20
C GLY B 148 -26.25 -0.59 -2.74
N VAL B 149 -27.24 -0.23 -1.91
CA VAL B 149 -27.05 -0.22 -0.47
C VAL B 149 -26.68 -1.61 0.06
N GLU B 150 -27.45 -2.64 -0.33
CA GLU B 150 -27.22 -3.98 0.19
C GLU B 150 -25.80 -4.46 -0.10
N HIS B 151 -25.28 -4.13 -1.28
CA HIS B 151 -23.97 -4.64 -1.67
C HIS B 151 -22.82 -3.89 -1.04
N THR B 152 -23.05 -2.74 -0.40
CA THR B 152 -21.93 -1.90 0.02
C THR B 152 -21.97 -1.43 1.46
N GLN B 153 -23.12 -1.40 2.11
CA GLN B 153 -23.23 -0.68 3.37
C GLN B 153 -23.08 -1.63 4.56
N PRO B 154 -22.59 -1.10 5.69
CA PRO B 154 -22.27 -1.98 6.83
C PRO B 154 -23.50 -2.50 7.57
N GLU B 155 -24.62 -1.80 7.51
CA GLU B 155 -25.77 -2.20 8.31
C GLU B 155 -26.42 -3.42 7.67
N ARG B 156 -26.57 -4.51 8.45
CA ARG B 156 -26.99 -5.80 7.91
C ARG B 156 -28.47 -6.11 8.05
N GLY B 157 -29.17 -5.55 9.04
CA GLY B 157 -30.55 -5.94 9.28
C GLY B 157 -31.54 -5.39 8.26
N ARG B 158 -32.82 -5.53 8.58
CA ARG B 158 -33.87 -4.89 7.79
C ARG B 158 -33.65 -3.38 7.78
N LYS B 159 -33.72 -2.79 6.60
CA LYS B 159 -33.42 -1.38 6.48
C LYS B 159 -34.50 -0.66 5.71
N LEU B 160 -34.68 0.61 6.04
CA LEU B 160 -35.45 1.55 5.25
C LEU B 160 -34.45 2.36 4.44
N VAL B 161 -34.65 2.46 3.13
CA VAL B 161 -33.76 3.20 2.25
C VAL B 161 -34.57 4.29 1.56
N ILE B 162 -34.11 5.54 1.71
CA ILE B 162 -34.78 6.71 1.15
C ILE B 162 -33.83 7.37 0.15
N ASP B 163 -34.37 7.73 -1.01
CA ASP B 163 -33.56 8.46 -2.03
C ASP B 163 -34.41 9.62 -2.57
N ILE B 164 -34.11 10.85 -2.13
CA ILE B 164 -34.83 12.04 -2.63
C ILE B 164 -34.06 12.58 -3.83
N GLY B 165 -34.66 12.47 -5.02
CA GLY B 165 -33.98 12.92 -6.25
C GLY B 165 -34.49 14.28 -6.71
N GLY B 166 -34.24 14.60 -7.98
CA GLY B 166 -34.68 15.87 -8.52
C GLY B 166 -36.17 15.96 -8.75
N GLY B 167 -36.80 14.85 -9.10
CA GLY B 167 -38.23 14.85 -9.36
C GLY B 167 -38.94 13.59 -8.88
N SER B 168 -38.19 12.67 -8.27
CA SER B 168 -38.74 11.43 -7.76
C SER B 168 -38.09 11.11 -6.42
N THR B 169 -38.86 10.52 -5.51
CA THR B 169 -38.32 10.01 -4.26
C THR B 169 -38.65 8.52 -4.16
N GLU B 170 -37.66 7.70 -3.82
CA GLU B 170 -37.86 6.27 -3.69
C GLU B 170 -37.76 5.86 -2.23
N LEU B 171 -38.57 4.88 -1.86
CA LEU B 171 -38.60 4.37 -0.49
C LEU B 171 -38.67 2.86 -0.57
N VAL B 172 -37.74 2.16 0.09
CA VAL B 172 -37.69 0.70 0.09
C VAL B 172 -37.45 0.20 1.51
N ILE B 173 -38.14 -0.87 1.89
CA ILE B 173 -37.77 -1.67 3.04
C ILE B 173 -37.40 -3.05 2.54
N GLY B 174 -36.25 -3.55 2.99
CA GLY B 174 -35.85 -4.91 2.66
C GLY B 174 -34.69 -5.37 3.51
N GLU B 175 -34.29 -6.61 3.28
CA GLU B 175 -33.19 -7.23 4.02
C GLU B 175 -32.65 -8.37 3.18
N ASP B 176 -31.37 -8.69 3.38
CA ASP B 176 -30.75 -9.88 2.80
C ASP B 176 -30.91 -9.91 1.29
N PHE B 177 -30.73 -8.75 0.66
CA PHE B 177 -30.74 -8.57 -0.79
C PHE B 177 -32.13 -8.75 -1.40
N GLU B 178 -33.17 -8.65 -0.59
CA GLU B 178 -34.55 -8.88 -1.04
C GLU B 178 -35.43 -7.73 -0.60
N PRO B 179 -35.89 -6.89 -1.51
CA PRO B 179 -36.85 -5.85 -1.14
C PRO B 179 -38.15 -6.48 -0.65
N ARG B 180 -38.76 -5.85 0.34
CA ARG B 180 -40.06 -6.27 0.85
C ARG B 180 -41.17 -5.31 0.49
N LEU B 181 -40.88 -4.01 0.51
CA LEU B 181 -41.81 -2.99 0.08
C LEU B 181 -41.03 -2.02 -0.79
N VAL B 182 -41.57 -1.68 -1.95
CA VAL B 182 -40.89 -0.84 -2.93
C VAL B 182 -41.86 0.22 -3.43
N GLU B 183 -41.47 1.49 -3.32
CA GLU B 183 -42.37 2.58 -3.69
C GLU B 183 -41.56 3.73 -4.26
N SER B 184 -42.18 4.45 -5.20
CA SER B 184 -41.66 5.67 -5.77
C SER B 184 -42.76 6.70 -5.80
N ARG B 185 -42.43 7.95 -5.45
CA ARG B 185 -43.43 9.04 -5.48
C ARG B 185 -42.89 10.19 -6.35
N ARG B 186 -43.78 10.85 -7.09
CA ARG B 186 -43.35 11.94 -8.00
C ARG B 186 -43.13 13.21 -7.19
N MET B 187 -42.07 13.24 -6.39
CA MET B 187 -41.71 14.48 -5.64
C MET B 187 -40.18 14.56 -5.58
N GLY B 188 -39.63 15.73 -5.88
CA GLY B 188 -38.19 15.90 -5.88
C GLY B 188 -37.82 17.34 -5.58
N CYS B 189 -36.51 17.57 -5.38
CA CYS B 189 -36.07 18.90 -4.99
C CYS B 189 -36.23 19.91 -6.13
N VAL B 190 -36.15 19.46 -7.39
CA VAL B 190 -36.33 20.39 -8.51
C VAL B 190 -37.81 20.62 -8.78
N SER B 191 -38.61 19.56 -8.77
CA SER B 191 -40.03 19.73 -9.06
C SER B 191 -40.74 20.49 -7.96
N PHE B 192 -40.31 20.29 -6.70
CA PHE B 192 -40.94 21.05 -5.62
C PHE B 192 -40.45 22.48 -5.54
N SER B 193 -39.29 22.78 -6.15
CA SER B 193 -38.82 24.15 -6.17
C SER B 193 -39.80 25.06 -6.88
N GLN B 194 -40.11 24.73 -8.14
CA GLN B 194 -41.04 25.56 -8.90
C GLN B 194 -42.44 25.55 -8.30
N ALA B 195 -42.89 24.38 -7.85
CA ALA B 195 -44.27 24.24 -7.43
C ALA B 195 -44.56 24.97 -6.13
N TYR B 196 -43.64 24.92 -5.15
CA TYR B 196 -43.92 25.50 -3.85
C TYR B 196 -43.05 26.69 -3.47
N PHE B 197 -41.96 26.94 -4.19
CA PHE B 197 -41.11 28.11 -3.93
C PHE B 197 -41.03 28.96 -5.20
N PRO B 198 -42.17 29.48 -5.68
CA PRO B 198 -42.15 30.23 -6.92
C PRO B 198 -41.29 31.47 -6.77
N GLY B 199 -40.52 31.77 -7.82
CA GLY B 199 -39.58 32.87 -7.81
C GLY B 199 -38.34 32.65 -6.98
N GLY B 200 -38.27 31.52 -6.29
CA GLY B 200 -37.12 31.22 -5.41
C GLY B 200 -37.28 31.83 -4.04
N VAL B 201 -38.51 32.18 -3.66
CA VAL B 201 -38.74 32.87 -2.36
C VAL B 201 -38.75 31.85 -1.22
N ILE B 202 -38.08 32.18 -0.11
CA ILE B 202 -38.06 31.28 1.07
C ILE B 202 -38.90 31.90 2.19
N ASN B 203 -39.98 31.23 2.60
CA ASN B 203 -40.78 31.67 3.74
C ASN B 203 -41.46 30.44 4.34
N LYS B 204 -41.96 30.59 5.56
CA LYS B 204 -42.50 29.44 6.29
C LYS B 204 -43.72 28.85 5.57
N GLU B 205 -44.50 29.69 4.88
CA GLU B 205 -45.70 29.20 4.21
C GLU B 205 -45.35 28.34 3.01
N ASN B 206 -44.38 28.79 2.20
CA ASN B 206 -43.90 27.97 1.09
C ASN B 206 -43.38 26.63 1.60
N PHE B 207 -42.58 26.68 2.66
CA PHE B 207 -41.95 25.47 3.18
C PHE B 207 -43.00 24.51 3.73
N GLN B 208 -43.97 25.03 4.49
CA GLN B 208 -45.00 24.18 5.07
C GLN B 208 -45.84 23.54 3.98
N ARG B 209 -46.20 24.32 2.95
CA ARG B 209 -46.96 23.77 1.83
C ARG B 209 -46.21 22.61 1.19
N ALA B 210 -44.90 22.79 0.94
CA ALA B 210 -44.11 21.72 0.35
C ALA B 210 -44.03 20.52 1.29
N ARG B 211 -43.86 20.79 2.60
CA ARG B 211 -43.73 19.71 3.57
C ARG B 211 -45.03 18.90 3.65
N LEU B 212 -46.17 19.57 3.71
CA LEU B 212 -47.44 18.86 3.75
C LEU B 212 -47.70 18.12 2.45
N ALA B 213 -47.28 18.72 1.32
CA ALA B 213 -47.43 18.06 0.03
C ALA B 213 -46.65 16.75 -0.01
N ALA B 214 -45.46 16.73 0.62
CA ALA B 214 -44.70 15.50 0.70
C ALA B 214 -45.41 14.47 1.57
N VAL B 215 -45.90 14.88 2.73
CA VAL B 215 -46.66 13.98 3.58
C VAL B 215 -47.84 13.40 2.83
N GLN B 216 -48.55 14.25 2.08
CA GLN B 216 -49.73 13.79 1.33
C GLN B 216 -49.37 12.69 0.35
N LYS B 217 -48.25 12.84 -0.38
CA LYS B 217 -47.85 11.79 -1.31
C LYS B 217 -47.48 10.49 -0.60
N LEU B 218 -47.14 10.57 0.69
CA LEU B 218 -46.74 9.41 1.46
C LEU B 218 -47.88 8.75 2.22
N GLU B 219 -49.07 9.35 2.22
CA GLU B 219 -50.18 8.82 3.02
C GLU B 219 -50.51 7.38 2.65
N THR B 220 -50.45 7.06 1.35
CA THR B 220 -50.80 5.73 0.87
C THR B 220 -49.76 4.66 1.23
N LEU B 221 -48.56 5.03 1.69
CA LEU B 221 -47.58 4.02 2.05
C LEU B 221 -47.17 4.05 3.53
N ALA B 222 -47.45 5.14 4.25
CA ALA B 222 -46.84 5.34 5.57
C ALA B 222 -47.18 4.21 6.53
N TRP B 223 -48.46 3.84 6.61
CA TRP B 223 -48.88 2.82 7.56
C TRP B 223 -48.25 1.46 7.22
N GLN B 224 -48.28 1.08 5.94
CA GLN B 224 -47.69 -0.19 5.52
C GLN B 224 -46.20 -0.25 5.85
N PHE B 225 -45.47 0.86 5.63
CA PHE B 225 -44.04 0.86 5.94
C PHE B 225 -43.81 0.77 7.44
N ARG B 226 -44.58 1.53 8.23
CA ARG B 226 -44.40 1.48 9.69
C ARG B 226 -44.59 0.07 10.21
N ILE B 227 -45.59 -0.65 9.68
CA ILE B 227 -45.89 -1.99 10.18
C ILE B 227 -44.74 -2.94 9.88
N GLN B 228 -44.08 -2.77 8.73
CA GLN B 228 -42.93 -3.60 8.40
C GLN B 228 -41.75 -3.30 9.32
N GLY B 229 -41.49 -2.02 9.59
CA GLY B 229 -40.41 -1.62 10.48
C GLY B 229 -39.04 -1.72 9.83
N TRP B 230 -38.03 -1.28 10.59
CA TRP B 230 -36.65 -1.28 10.11
C TRP B 230 -35.70 -1.15 11.29
N THR B 231 -34.53 -1.79 11.15
CA THR B 231 -33.45 -1.66 12.12
C THR B 231 -32.72 -0.33 11.95
N VAL B 232 -32.65 0.17 10.73
CA VAL B 232 -31.87 1.36 10.43
C VAL B 232 -32.51 2.03 9.22
N ALA B 233 -32.43 3.35 9.17
CA ALA B 233 -32.87 4.12 8.02
C ALA B 233 -31.64 4.71 7.36
N LEU B 234 -31.52 4.49 6.04
CA LEU B 234 -30.40 5.00 5.25
C LEU B 234 -30.94 5.90 4.14
N GLY B 235 -30.22 6.98 3.87
CA GLY B 235 -30.60 7.91 2.83
C GLY B 235 -29.50 8.03 1.80
N ALA B 236 -29.89 8.34 0.56
CA ALA B 236 -28.90 8.49 -0.52
C ALA B 236 -29.24 9.71 -1.38
N SER B 237 -28.31 10.14 -2.23
CA SER B 237 -28.53 11.26 -3.20
C SER B 237 -28.23 12.65 -2.60
N GLY B 238 -28.21 13.68 -3.45
CA GLY B 238 -27.78 15.03 -3.03
C GLY B 238 -28.54 15.66 -1.88
N THR B 239 -29.87 15.63 -1.88
CA THR B 239 -30.57 16.32 -0.82
C THR B 239 -30.11 15.85 0.55
N ILE B 240 -30.08 14.53 0.73
CA ILE B 240 -29.73 13.99 2.04
C ILE B 240 -28.25 14.21 2.32
N LYS B 241 -27.42 14.13 1.29
CA LYS B 241 -26.00 14.40 1.47
C LYS B 241 -25.77 15.84 1.89
N ALA B 242 -26.49 16.78 1.27
CA ALA B 242 -26.38 18.19 1.65
C ALA B 242 -26.79 18.42 3.09
N ALA B 243 -27.91 17.82 3.50
CA ALA B 243 -28.37 17.97 4.88
C ALA B 243 -27.31 17.50 5.86
N GLN B 244 -26.70 16.35 5.58
CA GLN B 244 -25.65 15.85 6.47
C GLN B 244 -24.44 16.79 6.50
N GLU B 245 -24.06 17.34 5.35
CA GLU B 245 -22.88 18.21 5.32
C GLU B 245 -23.14 19.52 6.06
N VAL B 246 -24.39 20.02 6.00
CA VAL B 246 -24.72 21.23 6.74
C VAL B 246 -24.74 20.95 8.24
N LEU B 247 -25.26 19.80 8.64
CA LEU B 247 -25.26 19.47 10.07
C LEU B 247 -23.84 19.37 10.61
N VAL B 248 -22.97 18.67 9.89
CA VAL B 248 -21.58 18.55 10.33
C VAL B 248 -20.93 19.92 10.45
N ALA B 249 -21.10 20.76 9.41
CA ALA B 249 -20.49 22.08 9.46
C ALA B 249 -21.05 22.91 10.60
N MET B 250 -22.31 22.68 10.98
CA MET B 250 -22.91 23.40 12.10
C MET B 250 -22.49 22.86 13.47
N GLY B 251 -21.74 21.76 13.51
CA GLY B 251 -21.25 21.21 14.77
C GLY B 251 -21.83 19.88 15.18
N GLU B 252 -22.74 19.30 14.40
CA GLU B 252 -23.31 17.98 14.73
C GLU B 252 -22.41 16.94 14.06
N LYS B 253 -21.36 16.53 14.79
CA LYS B 253 -20.22 15.91 14.14
C LYS B 253 -20.54 14.55 13.55
N ASP B 254 -21.47 13.78 14.14
CA ASP B 254 -21.70 12.43 13.63
C ASP B 254 -22.47 12.43 12.32
N GLY B 255 -23.06 13.56 11.93
CA GLY B 255 -23.75 13.63 10.65
C GLY B 255 -25.08 12.89 10.58
N PHE B 256 -25.53 12.28 11.67
CA PHE B 256 -26.81 11.60 11.64
C PHE B 256 -27.95 12.62 11.60
N ILE B 257 -28.97 12.32 10.81
CA ILE B 257 -30.13 13.19 10.67
C ILE B 257 -31.23 12.70 11.60
N THR B 258 -31.66 13.55 12.52
CA THR B 258 -32.70 13.27 13.51
C THR B 258 -33.82 14.29 13.38
N PRO B 259 -35.00 14.05 13.96
CA PRO B 259 -36.04 15.10 13.95
C PRO B 259 -35.59 16.40 14.57
N GLU B 260 -34.85 16.36 15.69
CA GLU B 260 -34.43 17.59 16.34
C GLU B 260 -33.44 18.37 15.47
N ARG B 261 -32.55 17.65 14.80
CA ARG B 261 -31.59 18.33 13.94
C ARG B 261 -32.26 18.90 12.69
N LEU B 262 -33.31 18.22 12.20
CA LEU B 262 -34.03 18.77 11.05
C LEU B 262 -34.72 20.08 11.42
N GLU B 263 -35.28 20.15 12.64
CA GLU B 263 -35.91 21.38 13.09
C GLU B 263 -34.91 22.52 13.17
N MET B 264 -33.68 22.24 13.60
CA MET B 264 -32.63 23.26 13.56
C MET B 264 -32.34 23.69 12.12
N LEU B 265 -32.29 22.73 11.21
CA LEU B 265 -32.02 23.07 9.81
C LEU B 265 -33.12 23.96 9.23
N VAL B 266 -34.39 23.67 9.56
CA VAL B 266 -35.49 24.49 9.05
C VAL B 266 -35.41 25.90 9.62
N SER B 267 -35.21 26.01 10.94
CA SER B 267 -35.16 27.33 11.58
C SER B 267 -34.06 28.19 10.99
N GLU B 268 -32.90 27.59 10.69
CA GLU B 268 -31.81 28.35 10.05
C GLU B 268 -32.18 28.72 8.62
N LEU B 269 -32.73 27.77 7.86
CA LEU B 269 -33.12 28.04 6.48
C LEU B 269 -34.11 29.20 6.41
N LEU B 270 -35.10 29.20 7.31
CA LEU B 270 -36.17 30.20 7.26
C LEU B 270 -35.71 31.60 7.67
N LYS B 271 -34.46 31.75 8.10
CA LYS B 271 -33.93 33.09 8.35
C LYS B 271 -33.50 33.79 7.06
N HIS B 272 -33.56 33.11 5.93
CA HIS B 272 -33.19 33.66 4.63
C HIS B 272 -34.43 33.87 3.77
N LYS B 273 -34.39 34.88 2.91
CA LYS B 273 -35.58 35.27 2.15
C LYS B 273 -35.68 34.61 0.79
N ASN B 274 -34.58 34.21 0.16
CA ASN B 274 -34.65 33.60 -1.15
C ASN B 274 -33.45 32.69 -1.37
N PHE B 275 -33.50 31.92 -2.46
CA PHE B 275 -32.45 30.95 -2.76
C PHE B 275 -31.11 31.64 -2.98
N ASP B 276 -31.09 32.79 -3.66
CA ASP B 276 -29.84 33.50 -3.88
C ASP B 276 -29.20 33.94 -2.58
N ALA B 277 -30.01 34.42 -1.63
CA ALA B 277 -29.49 34.91 -0.35
C ALA B 277 -29.14 33.78 0.60
N LEU B 278 -29.59 32.56 0.33
CA LEU B 278 -29.38 31.44 1.26
C LEU B 278 -27.89 31.15 1.43
N SER B 279 -27.41 31.19 2.68
CA SER B 279 -26.04 30.84 3.00
C SER B 279 -26.04 30.09 4.33
N LEU B 280 -25.67 28.82 4.28
CA LEU B 280 -25.58 27.98 5.47
C LEU B 280 -24.22 27.30 5.49
N PRO B 281 -23.67 27.05 6.68
CA PRO B 281 -22.40 26.31 6.74
C PRO B 281 -22.53 24.96 6.05
N GLY B 282 -21.58 24.67 5.17
CA GLY B 282 -21.54 23.38 4.50
C GLY B 282 -22.42 23.23 3.28
N LEU B 283 -23.21 24.25 2.94
CA LEU B 283 -24.08 24.19 1.77
C LEU B 283 -23.30 24.67 0.55
N SER B 284 -23.19 23.82 -0.47
CA SER B 284 -22.50 24.19 -1.69
C SER B 284 -23.36 25.10 -2.56
N GLU B 285 -22.71 25.79 -3.49
CA GLU B 285 -23.47 26.63 -4.42
C GLU B 285 -24.37 25.81 -5.33
N ASP B 286 -23.94 24.59 -5.69
CA ASP B 286 -24.76 23.77 -6.59
C ASP B 286 -26.03 23.30 -5.89
N ARG B 287 -25.99 23.15 -4.57
CA ARG B 287 -27.13 22.65 -3.82
C ARG B 287 -27.98 23.77 -3.23
N LYS B 288 -27.50 25.02 -3.29
CA LYS B 288 -28.18 26.14 -2.66
C LYS B 288 -29.57 26.36 -3.23
N ALA B 289 -29.75 26.18 -4.54
CA ALA B 289 -31.01 26.50 -5.19
C ALA B 289 -32.07 25.41 -5.02
N VAL B 290 -31.71 24.25 -4.47
CA VAL B 290 -32.67 23.15 -4.34
C VAL B 290 -32.70 22.64 -2.91
N PHE B 291 -32.03 23.34 -1.99
CA PHE B 291 -31.92 22.84 -0.62
C PHE B 291 -33.25 22.98 0.12
N ALA B 292 -33.92 24.13 -0.02
CA ALA B 292 -35.19 24.32 0.66
C ALA B 292 -36.24 23.31 0.22
N PRO B 293 -36.50 23.11 -1.08
CA PRO B 293 -37.51 22.09 -1.44
C PRO B 293 -37.08 20.67 -1.06
N GLY B 294 -35.79 20.34 -1.20
CA GLY B 294 -35.34 19.03 -0.75
C GLY B 294 -35.53 18.82 0.75
N LEU B 295 -35.20 19.83 1.54
CA LEU B 295 -35.37 19.71 2.99
C LEU B 295 -36.84 19.55 3.36
N ALA B 296 -37.73 20.21 2.62
CA ALA B 296 -39.15 20.07 2.91
C ALA B 296 -39.63 18.63 2.69
N ILE B 297 -39.17 18.00 1.60
CA ILE B 297 -39.51 16.60 1.35
C ILE B 297 -38.92 15.71 2.42
N LEU B 298 -37.66 15.95 2.80
CA LEU B 298 -37.03 15.15 3.85
C LEU B 298 -37.82 15.24 5.14
N CYS B 299 -38.24 16.46 5.50
CA CYS B 299 -39.07 16.64 6.69
C CYS B 299 -40.39 15.88 6.57
N GLY B 300 -41.01 15.92 5.38
CA GLY B 300 -42.24 15.18 5.16
C GLY B 300 -42.05 13.68 5.28
N VAL B 301 -40.92 13.17 4.77
CA VAL B 301 -40.61 11.75 4.94
C VAL B 301 -40.45 11.41 6.43
N PHE B 302 -39.70 12.25 7.16
CA PHE B 302 -39.55 12.02 8.59
C PHE B 302 -40.90 12.02 9.31
N ASP B 303 -41.82 12.89 8.88
CA ASP B 303 -43.15 12.94 9.51
C ASP B 303 -43.96 11.69 9.20
N ALA B 304 -44.07 11.35 7.91
CA ALA B 304 -44.90 10.23 7.49
C ALA B 304 -44.46 8.92 8.13
N LEU B 305 -43.14 8.68 8.19
CA LEU B 305 -42.62 7.38 8.63
C LEU B 305 -42.13 7.39 10.09
N ALA B 306 -42.20 8.54 10.77
CA ALA B 306 -41.76 8.67 12.16
C ALA B 306 -40.31 8.22 12.33
N ILE B 307 -39.44 8.66 11.41
CA ILE B 307 -38.03 8.31 11.48
C ILE B 307 -37.37 9.06 12.63
N LYS B 308 -36.53 8.35 13.39
CA LYS B 308 -35.80 8.97 14.49
C LYS B 308 -34.34 9.20 14.18
N GLU B 309 -33.78 8.45 13.23
CA GLU B 309 -32.37 8.56 12.90
C GLU B 309 -32.18 8.09 11.47
N LEU B 310 -31.48 8.90 10.68
CA LEU B 310 -31.21 8.57 9.26
C LEU B 310 -29.71 8.76 9.00
N ARG B 311 -29.06 7.75 8.40
CA ARG B 311 -27.65 7.84 8.07
C ARG B 311 -27.47 7.90 6.56
N LEU B 312 -26.47 8.66 6.10
CA LEU B 312 -26.19 8.76 4.68
C LEU B 312 -25.48 7.51 4.20
N SER B 313 -25.97 6.94 3.11
CA SER B 313 -25.30 5.84 2.42
C SER B 313 -24.49 6.40 1.26
N ASP B 314 -23.26 5.92 1.11
CA ASP B 314 -22.49 6.30 -0.07
C ASP B 314 -22.66 5.32 -1.24
N GLY B 315 -23.54 4.33 -1.10
CA GLY B 315 -23.89 3.44 -2.20
C GLY B 315 -25.34 3.63 -2.57
N ALA B 316 -25.62 3.56 -3.87
CA ALA B 316 -26.98 3.81 -4.37
C ALA B 316 -27.16 3.25 -5.79
N LEU B 317 -27.86 4.00 -6.65
CA LEU B 317 -28.26 3.46 -7.95
C LEU B 317 -27.07 2.91 -8.74
N ARG B 318 -26.00 3.69 -8.85
CA ARG B 318 -24.84 3.25 -9.63
C ARG B 318 -24.20 1.98 -9.06
N GLU B 319 -24.18 1.87 -7.73
CA GLU B 319 -23.65 0.65 -7.12
C GLU B 319 -24.58 -0.52 -7.35
N GLY B 320 -25.90 -0.29 -7.40
CA GLY B 320 -26.80 -1.37 -7.75
C GLY B 320 -26.56 -1.88 -9.16
N VAL B 321 -26.33 -0.97 -10.09
CA VAL B 321 -26.04 -1.39 -11.46
C VAL B 321 -24.71 -2.15 -11.50
N LEU B 322 -23.69 -1.59 -10.86
CA LEU B 322 -22.36 -2.21 -10.90
C LEU B 322 -22.34 -3.57 -10.21
N TYR B 323 -22.76 -3.60 -8.94
CA TYR B 323 -22.61 -4.81 -8.12
C TYR B 323 -23.65 -5.88 -8.44
N GLU B 324 -24.91 -5.49 -8.72
CA GLU B 324 -25.96 -6.46 -8.96
C GLU B 324 -26.16 -6.73 -10.46
N MET B 325 -26.47 -5.69 -11.25
CA MET B 325 -26.87 -5.94 -12.63
C MET B 325 -25.70 -6.36 -13.52
N GLU B 326 -24.51 -5.86 -13.25
CA GLU B 326 -23.35 -6.14 -14.09
C GLU B 326 -22.38 -7.11 -13.44
N GLY B 327 -21.88 -6.79 -12.24
CA GLY B 327 -20.95 -7.68 -11.58
C GLY B 327 -21.57 -8.95 -11.03
N ARG B 328 -22.86 -8.90 -10.68
CA ARG B 328 -23.56 -10.06 -10.11
C ARG B 328 -22.79 -10.63 -8.92
N PHE B 329 -22.43 -9.74 -8.00
CA PHE B 329 -21.68 -10.14 -6.82
C PHE B 329 -22.54 -11.02 -5.90
N ARG B 330 -21.85 -11.87 -5.13
CA ARG B 330 -22.54 -12.87 -4.33
C ARG B 330 -23.42 -12.21 -3.26
N HIS B 331 -24.61 -12.77 -3.09
CA HIS B 331 -25.51 -12.38 -2.00
C HIS B 331 -25.07 -13.09 -0.73
N GLN B 332 -24.17 -12.48 0.00
CA GLN B 332 -23.68 -13.04 1.25
C GLN B 332 -23.38 -11.87 2.17
N ASP B 333 -23.13 -12.16 3.44
CA ASP B 333 -22.74 -11.11 4.36
C ASP B 333 -21.57 -10.33 3.79
N ILE B 334 -21.74 -8.99 3.68
CA ILE B 334 -20.81 -8.20 2.87
C ILE B 334 -19.42 -8.17 3.49
N ARG B 335 -19.32 -8.06 4.81
CA ARG B 335 -18.00 -8.00 5.44
C ARG B 335 -17.24 -9.30 5.22
N SER B 336 -17.93 -10.45 5.33
CA SER B 336 -17.30 -11.73 5.02
C SER B 336 -16.90 -11.83 3.56
N ARG B 337 -17.77 -11.36 2.67
CA ARG B 337 -17.46 -11.37 1.25
C ARG B 337 -16.22 -10.53 0.97
N THR B 338 -16.14 -9.36 1.60
CA THR B 338 -14.99 -8.49 1.40
C THR B 338 -13.72 -9.14 1.96
N ALA B 339 -13.83 -9.76 3.15
CA ALA B 339 -12.67 -10.42 3.75
C ALA B 339 -12.18 -11.58 2.89
N GLN B 340 -13.09 -12.36 2.32
CA GLN B 340 -12.67 -13.45 1.44
C GLN B 340 -11.99 -12.91 0.19
N SER B 341 -12.48 -11.80 -0.35
CA SER B 341 -11.79 -11.17 -1.48
C SER B 341 -10.38 -10.74 -1.08
N LEU B 342 -10.24 -10.06 0.07
CA LEU B 342 -8.93 -9.60 0.52
C LEU B 342 -8.00 -10.78 0.77
N ALA B 343 -8.53 -11.89 1.29
CA ALA B 343 -7.70 -13.07 1.53
C ALA B 343 -7.12 -13.61 0.24
N ASN B 344 -7.89 -13.55 -0.85
CA ASN B 344 -7.36 -13.98 -2.14
C ASN B 344 -6.38 -12.96 -2.71
N GLN B 345 -6.77 -11.68 -2.75
CA GLN B 345 -5.86 -10.66 -3.29
C GLN B 345 -4.53 -10.66 -2.55
N TYR B 346 -4.56 -10.78 -1.22
CA TYR B 346 -3.38 -10.50 -0.41
C TYR B 346 -2.78 -11.75 0.22
N ASN B 347 -3.17 -12.93 -0.25
CA ASN B 347 -2.53 -14.19 0.13
C ASN B 347 -2.51 -14.38 1.64
N ILE B 348 -3.63 -14.05 2.28
CA ILE B 348 -3.72 -14.15 3.73
C ILE B 348 -3.55 -15.61 4.14
N ASP B 349 -2.62 -15.85 5.05
CA ASP B 349 -2.42 -17.14 5.69
C ASP B 349 -3.59 -17.37 6.63
N ARG B 350 -4.53 -18.22 6.22
CA ARG B 350 -5.79 -18.35 6.97
C ARG B 350 -5.59 -19.07 8.31
N GLU B 351 -4.67 -20.03 8.37
CA GLU B 351 -4.39 -20.70 9.64
C GLU B 351 -3.77 -19.74 10.63
N GLN B 352 -2.88 -18.84 10.16
CA GLN B 352 -2.33 -17.82 11.03
C GLN B 352 -3.42 -16.88 11.54
N ALA B 353 -4.28 -16.38 10.66
CA ALA B 353 -5.40 -15.56 11.11
C ALA B 353 -6.24 -16.31 12.13
N ARG B 354 -6.45 -17.61 11.91
CA ARG B 354 -7.28 -18.40 12.83
C ARG B 354 -6.63 -18.50 14.22
N ARG B 355 -5.32 -18.80 14.30
CA ARG B 355 -4.71 -18.94 15.62
C ARG B 355 -4.61 -17.58 16.32
N VAL B 356 -4.37 -16.50 15.58
CA VAL B 356 -4.40 -15.18 16.21
C VAL B 356 -5.80 -14.85 16.70
N LEU B 357 -6.83 -15.24 15.93
CA LEU B 357 -8.21 -14.97 16.32
C LEU B 357 -8.57 -15.71 17.60
N GLU B 358 -8.15 -16.97 17.71
CA GLU B 358 -8.52 -17.75 18.90
C GLU B 358 -7.84 -17.19 20.15
N THR B 359 -6.60 -16.76 20.02
CA THR B 359 -5.87 -16.22 21.17
C THR B 359 -6.43 -14.85 21.57
N THR B 360 -6.64 -13.99 20.58
CA THR B 360 -7.18 -12.67 20.85
C THR B 360 -8.58 -12.76 21.45
N THR B 361 -9.38 -13.72 20.98
CA THR B 361 -10.74 -13.88 21.49
C THR B 361 -10.75 -14.38 22.93
N GLN B 362 -9.85 -15.30 23.26
CA GLN B 362 -9.79 -15.82 24.62
C GLN B 362 -9.43 -14.70 25.60
N MET B 363 -8.56 -13.78 25.19
CA MET B 363 -8.18 -12.66 26.04
C MET B 363 -9.26 -11.57 26.03
N LEU B 364 -9.87 -11.33 24.87
CA LEU B 364 -10.95 -10.36 24.78
C LEU B 364 -12.08 -10.71 25.75
N GLU B 365 -12.41 -12.00 25.85
CA GLU B 365 -13.54 -12.40 26.68
C GLU B 365 -13.22 -12.20 28.16
N GLN B 366 -11.95 -12.32 28.54
CA GLN B 366 -11.55 -12.05 29.91
C GLN B 366 -11.52 -10.55 30.20
N TRP B 367 -11.04 -9.76 29.25
CA TRP B 367 -11.10 -8.31 29.42
C TRP B 367 -12.55 -7.82 29.50
N GLN B 368 -13.44 -8.42 28.72
CA GLN B 368 -14.83 -7.97 28.71
C GLN B 368 -15.52 -8.27 30.03
N GLU B 369 -15.32 -9.47 30.58
CA GLU B 369 -15.94 -9.81 31.84
C GLU B 369 -15.40 -8.93 32.97
N GLN B 370 -14.18 -8.42 32.83
CA GLN B 370 -13.58 -7.56 33.83
C GLN B 370 -13.85 -6.08 33.60
N ASN B 371 -14.31 -5.71 32.40
CA ASN B 371 -14.61 -4.32 32.08
C ASN B 371 -15.92 -4.24 31.31
N PRO B 372 -17.04 -4.68 31.92
CA PRO B 372 -18.30 -4.75 31.16
C PRO B 372 -18.81 -3.41 30.68
N LYS B 373 -18.46 -2.31 31.36
CA LYS B 373 -18.87 -0.99 30.88
C LYS B 373 -18.17 -0.63 29.58
N LEU B 374 -16.88 -0.98 29.45
CA LEU B 374 -16.14 -0.62 28.25
C LEU B 374 -16.49 -1.52 27.06
N ALA B 375 -17.04 -2.70 27.31
CA ALA B 375 -17.34 -3.63 26.23
C ALA B 375 -18.32 -3.00 25.23
N ASN B 376 -18.06 -3.26 23.96
CA ASN B 376 -18.79 -2.69 22.83
C ASN B 376 -18.79 -3.74 21.72
N PRO B 377 -19.95 -4.29 21.34
CA PRO B 377 -19.96 -5.36 20.33
C PRO B 377 -19.52 -4.91 18.96
N HIS B 378 -19.79 -3.65 18.59
CA HIS B 378 -19.37 -3.15 17.28
C HIS B 378 -17.86 -3.05 17.20
N LEU B 379 -17.23 -2.48 18.23
CA LEU B 379 -15.78 -2.42 18.27
C LEU B 379 -15.18 -3.82 18.39
N ALA B 380 -15.83 -4.71 19.12
CA ALA B 380 -15.33 -6.08 19.24
C ALA B 380 -15.30 -6.74 17.87
N ALA B 381 -16.34 -6.56 17.06
CA ALA B 381 -16.34 -7.10 15.71
C ALA B 381 -15.22 -6.51 14.85
N LEU B 382 -14.95 -5.21 14.99
CA LEU B 382 -13.87 -4.61 14.19
C LEU B 382 -12.51 -5.14 14.62
N LEU B 383 -12.33 -5.44 15.90
CA LEU B 383 -11.12 -6.11 16.34
C LEU B 383 -10.96 -7.46 15.64
N LYS B 384 -12.03 -8.26 15.60
CA LYS B 384 -11.93 -9.57 14.97
C LYS B 384 -11.63 -9.45 13.47
N TRP B 385 -12.26 -8.49 12.78
CA TRP B 385 -11.89 -8.28 11.37
C TRP B 385 -10.44 -7.80 11.23
N ALA B 386 -9.98 -6.94 12.15
CA ALA B 386 -8.58 -6.52 12.10
C ALA B 386 -7.65 -7.72 12.23
N VAL B 387 -8.02 -8.67 13.09
CA VAL B 387 -7.24 -9.90 13.22
C VAL B 387 -7.18 -10.63 11.89
N MET B 388 -8.35 -10.80 11.25
CA MET B 388 -8.41 -11.55 10.00
C MET B 388 -7.56 -10.90 8.92
N LEU B 389 -7.43 -9.58 8.97
CA LEU B 389 -6.82 -8.80 7.89
C LEU B 389 -5.46 -8.21 8.25
N HIS B 390 -4.88 -8.54 9.42
CA HIS B 390 -3.70 -7.80 9.82
C HIS B 390 -2.47 -8.10 8.96
N GLU B 391 -2.46 -9.19 8.19
CA GLU B 391 -1.31 -9.47 7.33
C GLU B 391 -1.53 -9.12 5.86
N VAL B 392 -2.55 -8.30 5.54
CA VAL B 392 -2.73 -7.95 4.12
C VAL B 392 -1.51 -7.25 3.56
N GLY B 393 -0.75 -6.53 4.39
CA GLY B 393 0.46 -5.83 3.97
C GLY B 393 1.73 -6.65 3.89
N LEU B 394 1.65 -7.96 4.15
CA LEU B 394 2.85 -8.79 4.17
C LEU B 394 3.45 -9.00 2.78
N ASN B 395 2.64 -8.86 1.72
CA ASN B 395 3.17 -8.98 0.37
C ASN B 395 4.05 -7.77 0.03
N ILE B 396 3.74 -6.61 0.59
CA ILE B 396 4.62 -5.46 0.41
C ILE B 396 5.92 -5.66 1.18
N ASN B 397 5.84 -5.94 2.48
CA ASN B 397 7.08 -6.21 3.19
C ASN B 397 6.80 -6.78 4.58
N HIS B 398 7.60 -7.78 4.97
CA HIS B 398 7.71 -8.15 6.37
C HIS B 398 8.13 -6.95 7.21
N SER B 399 9.10 -6.18 6.71
CA SER B 399 9.59 -4.99 7.41
C SER B 399 8.55 -3.88 7.35
N GLY B 400 8.04 -3.48 8.52
CA GLY B 400 7.00 -2.47 8.56
C GLY B 400 5.62 -2.97 8.16
N MET B 401 5.39 -4.28 8.24
CA MET B 401 4.13 -4.86 7.79
C MET B 401 2.93 -4.19 8.43
N HIS B 402 3.03 -3.79 9.71
CA HIS B 402 1.88 -3.18 10.36
C HIS B 402 1.50 -1.87 9.67
N ARG B 403 2.49 -1.10 9.23
CA ARG B 403 2.17 0.12 8.48
C ARG B 403 1.60 -0.20 7.11
N HIS B 404 2.16 -1.20 6.42
CA HIS B 404 1.68 -1.53 5.07
C HIS B 404 0.27 -2.08 5.11
N SER B 405 -0.04 -2.96 6.07
CA SER B 405 -1.40 -3.45 6.20
C SER B 405 -2.38 -2.31 6.48
N ALA B 406 -2.00 -1.39 7.36
CA ALA B 406 -2.86 -0.25 7.65
C ALA B 406 -3.07 0.61 6.41
N TYR B 407 -2.01 0.79 5.63
CA TYR B 407 -2.15 1.54 4.38
C TYR B 407 -3.20 0.92 3.46
N ILE B 408 -3.13 -0.40 3.28
CA ILE B 408 -4.12 -1.09 2.44
C ILE B 408 -5.51 -0.94 3.03
N LEU B 409 -5.67 -1.19 4.34
CA LEU B 409 -7.00 -1.17 4.93
C LEU B 409 -7.61 0.25 4.91
N GLN B 410 -6.78 1.27 5.07
CA GLN B 410 -7.27 2.64 5.16
C GLN B 410 -7.67 3.20 3.80
N ASN B 411 -6.97 2.80 2.74
CA ASN B 411 -7.13 3.41 1.43
C ASN B 411 -7.92 2.57 0.44
N SER B 412 -8.24 1.32 0.78
CA SER B 412 -9.01 0.47 -0.12
C SER B 412 -10.50 0.85 -0.10
N ASP B 413 -11.23 0.36 -1.08
CA ASP B 413 -12.69 0.47 -1.11
C ASP B 413 -13.26 -0.83 -0.58
N LEU B 414 -13.74 -0.83 0.66
CA LEU B 414 -14.13 -2.05 1.36
C LEU B 414 -15.63 -2.12 1.60
N PRO B 415 -16.39 -2.84 0.77
CA PRO B 415 -17.82 -3.03 1.05
C PRO B 415 -18.03 -3.62 2.44
N GLY B 416 -19.03 -3.09 3.14
CA GLY B 416 -19.36 -3.52 4.49
C GLY B 416 -18.72 -2.70 5.60
N PHE B 417 -17.82 -1.78 5.28
CA PHE B 417 -17.15 -0.95 6.27
C PHE B 417 -17.28 0.50 5.84
N ASN B 418 -17.81 1.36 6.70
CA ASN B 418 -17.81 2.77 6.33
C ASN B 418 -16.44 3.36 6.65
N GLN B 419 -16.27 4.65 6.35
CA GLN B 419 -14.94 5.24 6.47
C GLN B 419 -14.42 5.14 7.90
N GLU B 420 -15.27 5.44 8.88
CA GLU B 420 -14.84 5.41 10.28
C GLU B 420 -14.48 3.99 10.71
N GLN B 421 -15.28 3.01 10.29
CA GLN B 421 -14.97 1.61 10.64
C GLN B 421 -13.69 1.16 9.98
N GLN B 422 -13.48 1.57 8.73
CA GLN B 422 -12.23 1.25 8.04
C GLN B 422 -11.04 1.87 8.76
N MET B 423 -11.17 3.13 9.18
CA MET B 423 -10.06 3.80 9.84
C MET B 423 -9.78 3.17 11.20
N LEU B 424 -10.82 2.72 11.89
CA LEU B 424 -10.62 2.05 13.17
C LEU B 424 -9.86 0.74 12.98
N MET B 425 -10.27 -0.08 12.00
CA MET B 425 -9.56 -1.32 11.73
C MET B 425 -8.11 -1.04 11.36
N ALA B 426 -7.89 -0.09 10.44
CA ALA B 426 -6.54 0.29 10.06
C ALA B 426 -5.73 0.77 11.26
N THR B 427 -6.38 1.50 12.17
CA THR B 427 -5.68 2.02 13.34
C THR B 427 -5.26 0.90 14.30
N LEU B 428 -6.15 -0.08 14.51
CA LEU B 428 -5.76 -1.23 15.31
C LEU B 428 -4.57 -1.95 14.69
N VAL B 429 -4.60 -2.18 13.38
CA VAL B 429 -3.50 -2.86 12.72
C VAL B 429 -2.24 -2.00 12.76
N ARG B 430 -2.39 -0.68 12.56
CA ARG B 430 -1.23 0.20 12.55
C ARG B 430 -0.48 0.15 13.88
N TYR B 431 -1.20 -0.03 14.98
CA TYR B 431 -0.62 0.03 16.32
C TYR B 431 -0.26 -1.35 16.87
N HIS B 432 -0.28 -2.38 16.05
CA HIS B 432 -0.12 -3.72 16.61
C HIS B 432 1.34 -4.18 16.69
N ARG B 433 2.29 -3.37 16.19
CA ARG B 433 3.72 -3.63 16.31
C ARG B 433 4.43 -2.34 16.68
N LYS B 434 5.59 -2.51 17.34
CA LYS B 434 6.56 -1.42 17.54
C LYS B 434 6.06 -0.38 18.53
N ALA B 435 6.68 0.80 18.53
CA ALA B 435 6.39 1.80 19.55
C ALA B 435 4.94 2.27 19.49
N ILE B 436 4.40 2.59 20.66
CA ILE B 436 3.00 2.98 20.81
C ILE B 436 2.96 4.48 21.10
N LYS B 437 2.35 5.24 20.19
CA LYS B 437 2.28 6.70 20.30
C LYS B 437 0.80 7.10 20.26
N LEU B 438 0.18 7.13 21.43
CA LEU B 438 -1.25 7.43 21.52
C LEU B 438 -1.59 8.83 21.03
N ASP B 439 -0.62 9.74 20.98
CA ASP B 439 -0.87 11.09 20.51
C ASP B 439 -1.03 11.17 18.99
N ASP B 440 -0.77 10.09 18.27
CA ASP B 440 -1.00 10.04 16.83
C ASP B 440 -2.29 9.34 16.48
N LEU B 441 -3.12 9.06 17.49
CA LEU B 441 -4.40 8.34 17.26
C LEU B 441 -5.35 9.22 16.46
N PRO B 442 -6.02 8.71 15.42
CA PRO B 442 -7.01 9.48 14.67
C PRO B 442 -8.19 9.83 15.60
N ARG B 443 -8.90 10.92 15.30
CA ARG B 443 -10.09 11.28 16.10
C ARG B 443 -11.33 10.70 15.41
N PHE B 444 -12.14 9.95 16.15
CA PHE B 444 -13.34 9.30 15.56
C PHE B 444 -14.61 10.02 16.05
N THR B 445 -15.60 10.16 15.17
CA THR B 445 -16.85 10.79 15.57
C THR B 445 -17.59 9.94 16.59
N LEU B 446 -17.61 8.62 16.38
CA LEU B 446 -18.40 7.71 17.20
C LEU B 446 -17.55 7.00 18.25
N PHE B 447 -16.42 6.44 17.85
CA PHE B 447 -15.68 5.51 18.71
C PHE B 447 -14.90 6.26 19.77
N ARG B 448 -14.99 5.78 21.00
CA ARG B 448 -14.35 6.43 22.15
C ARG B 448 -13.02 5.77 22.45
N LYS B 449 -12.00 6.61 22.70
CA LYS B 449 -10.64 6.12 22.95
C LYS B 449 -10.62 5.08 24.07
N LYS B 450 -11.32 5.35 25.17
CA LYS B 450 -11.31 4.43 26.30
C LYS B 450 -11.88 3.06 25.93
N GLN B 451 -12.63 2.97 24.84
CA GLN B 451 -13.22 1.70 24.45
C GLN B 451 -12.38 0.93 23.44
N PHE B 452 -11.59 1.61 22.59
CA PHE B 452 -10.80 0.88 21.60
C PHE B 452 -9.33 0.75 21.98
N LEU B 453 -8.82 1.55 22.93
CA LEU B 453 -7.45 1.34 23.38
C LEU B 453 -7.20 -0.07 23.89
N PRO B 454 -8.06 -0.67 24.72
CA PRO B 454 -7.82 -2.07 25.11
C PRO B 454 -7.84 -3.03 23.94
N LEU B 455 -8.52 -2.68 22.85
CA LEU B 455 -8.48 -3.50 21.65
C LEU B 455 -7.10 -3.50 21.00
N ILE B 456 -6.39 -2.37 21.06
CA ILE B 456 -5.00 -2.34 20.61
C ILE B 456 -4.15 -3.27 21.47
N GLN B 457 -4.32 -3.18 22.79
CA GLN B 457 -3.53 -4.03 23.68
C GLN B 457 -3.81 -5.50 23.38
N LEU B 458 -5.07 -5.83 23.11
CA LEU B 458 -5.43 -7.26 22.87
C LEU B 458 -4.80 -7.76 21.57
N LEU B 459 -4.89 -6.98 20.49
CA LEU B 459 -4.37 -7.42 19.17
C LEU B 459 -2.85 -7.59 19.27
N ARG B 460 -2.17 -6.63 19.87
CA ARG B 460 -0.70 -6.71 20.04
C ARG B 460 -0.35 -8.04 20.72
N LEU B 461 -1.04 -8.38 21.81
CA LEU B 461 -0.71 -9.61 22.56
C LEU B 461 -1.10 -10.84 21.74
N GLY B 462 -2.27 -10.81 21.09
CA GLY B 462 -2.70 -11.97 20.33
C GLY B 462 -1.80 -12.26 19.14
N VAL B 463 -1.33 -11.21 18.46
CA VAL B 463 -0.39 -11.41 17.36
C VAL B 463 0.94 -11.90 17.91
N LEU B 464 1.43 -11.29 18.99
CA LEU B 464 2.73 -11.63 19.54
C LEU B 464 2.80 -13.12 19.89
N LEU B 465 1.80 -13.61 20.63
CA LEU B 465 1.79 -14.98 21.12
C LEU B 465 1.66 -16.00 20.00
N ASN B 466 1.45 -15.56 18.76
CA ASN B 466 1.38 -16.43 17.60
C ASN B 466 2.44 -16.08 16.58
N ASN B 467 3.45 -15.29 16.96
CA ASN B 467 4.38 -14.80 15.95
C ASN B 467 5.36 -15.86 15.46
N GLN B 468 5.34 -17.06 16.05
CA GLN B 468 6.08 -18.18 15.49
C GLN B 468 5.25 -18.98 14.49
N ARG B 469 4.04 -18.51 14.16
CA ARG B 469 3.24 -19.02 13.06
C ARG B 469 2.92 -20.49 13.34
N GLN B 470 3.08 -21.39 12.37
CA GLN B 470 2.67 -22.77 12.61
C GLN B 470 3.56 -23.46 13.64
N ALA B 471 4.69 -22.87 14.00
CA ALA B 471 5.54 -23.43 15.04
C ALA B 471 5.10 -23.01 16.42
N THR B 472 4.03 -22.21 16.50
CA THR B 472 3.56 -21.67 17.77
C THR B 472 3.27 -22.79 18.76
N THR B 473 3.63 -22.56 20.02
CA THR B 473 3.30 -23.45 21.12
C THR B 473 2.21 -22.75 21.93
N THR B 474 1.00 -23.24 21.79
CA THR B 474 -0.16 -22.58 22.40
C THR B 474 -0.28 -23.00 23.87
N PRO B 475 -0.25 -22.06 24.80
CA PRO B 475 -0.37 -22.43 26.23
C PRO B 475 -1.72 -23.05 26.51
N PRO B 476 -1.76 -24.11 27.32
CA PRO B 476 -3.05 -24.74 27.62
C PRO B 476 -3.96 -23.84 28.44
N THR B 477 -3.39 -23.00 29.30
CA THR B 477 -4.15 -21.98 30.01
C THR B 477 -3.48 -20.64 29.80
N LEU B 478 -4.26 -19.57 29.85
CA LEU B 478 -3.74 -18.22 29.71
C LEU B 478 -4.71 -17.29 30.42
N ARG B 479 -4.28 -16.72 31.54
CA ARG B 479 -5.12 -15.86 32.36
C ARG B 479 -4.69 -14.41 32.19
N LEU B 480 -5.66 -13.53 31.98
CA LEU B 480 -5.43 -12.10 31.86
C LEU B 480 -6.14 -11.40 33.02
N GLN B 481 -5.39 -10.66 33.81
CA GLN B 481 -5.95 -9.82 34.86
C GLN B 481 -5.73 -8.36 34.48
N THR B 482 -6.81 -7.59 34.44
CA THR B 482 -6.73 -6.17 34.09
C THR B 482 -7.06 -5.33 35.31
N GLU B 483 -6.20 -4.36 35.60
CA GLU B 483 -6.43 -3.33 36.61
C GLU B 483 -6.12 -2.02 35.91
N ALA B 484 -7.15 -1.38 35.36
CA ALA B 484 -6.99 -0.23 34.44
C ALA B 484 -6.06 -0.71 33.32
N HIS B 485 -4.97 0.00 33.03
CA HIS B 485 -4.07 -0.43 31.97
C HIS B 485 -2.87 -1.20 32.50
N HIS B 486 -3.01 -1.75 33.72
CA HIS B 486 -1.98 -2.64 34.29
C HIS B 486 -2.48 -4.07 34.07
N TRP B 487 -1.88 -4.79 33.12
CA TRP B 487 -2.34 -6.11 32.73
C TRP B 487 -1.32 -7.16 33.17
N THR B 488 -1.83 -8.28 33.70
CA THR B 488 -1.00 -9.40 34.08
C THR B 488 -1.42 -10.61 33.26
N LEU B 489 -0.50 -11.15 32.47
CA LEU B 489 -0.70 -12.39 31.73
C LEU B 489 -0.04 -13.52 32.49
N THR B 490 -0.81 -14.53 32.88
CA THR B 490 -0.27 -15.65 33.63
C THR B 490 -0.32 -16.92 32.79
N PHE B 491 0.85 -17.50 32.56
CA PHE B 491 1.06 -18.69 31.76
C PHE B 491 1.20 -19.90 32.67
N PRO B 492 1.08 -21.12 32.13
CA PRO B 492 1.19 -22.32 32.97
C PRO B 492 2.50 -22.38 33.74
N HIS B 493 2.46 -23.13 34.84
CA HIS B 493 3.65 -23.30 35.67
C HIS B 493 4.84 -23.77 34.84
N ASN B 494 5.96 -23.06 34.97
CA ASN B 494 7.21 -23.37 34.29
C ASN B 494 7.06 -23.33 32.76
N TRP B 495 6.08 -22.57 32.26
CA TRP B 495 5.80 -22.55 30.83
C TRP B 495 7.02 -22.09 30.03
N PHE B 496 7.70 -21.06 30.51
CA PHE B 496 8.73 -20.45 29.69
C PHE B 496 10.04 -21.23 29.70
N SER B 497 10.10 -22.35 30.43
CA SER B 497 11.30 -23.20 30.37
C SER B 497 11.51 -23.76 28.97
N GLN B 498 10.45 -23.93 28.19
CA GLN B 498 10.55 -24.40 26.82
C GLN B 498 10.06 -23.38 25.80
N ASN B 499 9.83 -22.14 26.22
CA ASN B 499 9.33 -21.12 25.32
C ASN B 499 10.09 -19.83 25.55
N ALA B 500 11.43 -19.95 25.58
CA ALA B 500 12.28 -18.81 25.86
C ALA B 500 12.09 -17.69 24.85
N LEU B 501 11.87 -18.04 23.58
CA LEU B 501 11.69 -17.03 22.54
C LEU B 501 10.39 -16.25 22.76
N VAL B 502 9.33 -16.92 23.22
CA VAL B 502 8.10 -16.20 23.57
C VAL B 502 8.38 -15.20 24.67
N LEU B 503 9.15 -15.60 25.69
CA LEU B 503 9.46 -14.69 26.78
C LEU B 503 10.28 -13.49 26.33
N LEU B 504 11.24 -13.70 25.42
CA LEU B 504 12.00 -12.57 24.91
C LEU B 504 11.09 -11.57 24.22
N ASP B 505 10.15 -12.06 23.42
CA ASP B 505 9.24 -11.17 22.72
C ASP B 505 8.27 -10.48 23.67
N LEU B 506 7.86 -11.16 24.74
CA LEU B 506 7.00 -10.51 25.73
C LEU B 506 7.77 -9.43 26.50
N GLU B 507 9.05 -9.70 26.80
CA GLU B 507 9.88 -8.72 27.49
C GLU B 507 10.08 -7.47 26.65
N LYS B 508 10.19 -7.63 25.33
CA LYS B 508 10.22 -6.46 24.45
C LYS B 508 8.90 -5.70 24.51
N GLU B 509 7.78 -6.43 24.49
CA GLU B 509 6.47 -5.78 24.57
C GLU B 509 6.30 -5.07 25.90
N GLN B 510 6.87 -5.62 26.99
CA GLN B 510 6.82 -4.92 28.26
C GLN B 510 7.50 -3.56 28.16
N GLN B 511 8.64 -3.50 27.46
CA GLN B 511 9.31 -2.21 27.26
C GLN B 511 8.42 -1.27 26.46
N TYR B 512 7.73 -1.77 25.43
CA TYR B 512 6.82 -0.92 24.66
C TYR B 512 5.75 -0.32 25.57
N TRP B 513 5.13 -1.14 26.41
CA TRP B 513 4.10 -0.64 27.32
C TRP B 513 4.68 0.34 28.34
N GLU B 514 5.93 0.15 28.76
CA GLU B 514 6.54 1.09 29.68
C GLU B 514 6.58 2.49 29.09
N GLY B 515 6.62 2.62 27.76
CA GLY B 515 6.66 3.89 27.09
C GLY B 515 5.34 4.60 26.96
N VAL B 516 4.25 3.99 27.38
CA VAL B 516 2.92 4.60 27.34
C VAL B 516 2.52 4.95 28.76
N PRO B 517 2.15 6.20 29.05
CA PRO B 517 1.78 6.57 30.42
C PRO B 517 0.66 5.69 30.95
N GLU B 518 0.85 5.22 32.18
CA GLU B 518 -0.07 4.39 32.98
C GLU B 518 -0.21 2.97 32.45
N TRP B 519 0.49 2.58 31.38
CA TRP B 519 0.46 1.21 30.90
C TRP B 519 1.54 0.39 31.59
N MET B 520 1.22 -0.88 31.87
CA MET B 520 2.22 -1.81 32.39
C MET B 520 1.77 -3.22 32.08
N LEU B 521 2.70 -4.03 31.57
CA LEU B 521 2.44 -5.44 31.27
C LEU B 521 3.30 -6.28 32.21
N LYS B 522 2.67 -7.20 32.92
CA LYS B 522 3.34 -8.11 33.83
C LYS B 522 3.16 -9.54 33.32
N ILE B 523 4.24 -10.33 33.37
CA ILE B 523 4.23 -11.70 32.89
C ILE B 523 4.50 -12.60 34.07
N ALA B 524 3.66 -13.62 34.25
CA ALA B 524 3.80 -14.53 35.38
C ALA B 524 3.51 -15.95 34.92
N GLU B 525 3.80 -16.90 35.82
CA GLU B 525 3.50 -18.31 35.62
C GLU B 525 2.69 -18.80 36.82
N GLU B 526 1.83 -19.78 36.60
CA GLU B 526 1.01 -20.31 37.68
C GLU B 526 1.90 -20.98 38.73
N GLU B 527 1.45 -20.93 39.98
CA GLU B 527 2.08 -21.73 41.02
C GLU B 527 1.85 -23.21 40.74
N PRO B 528 2.69 -24.11 41.29
CA PRO B 528 2.57 -25.55 40.99
C PRO B 528 1.26 -26.20 41.45
C1 GOL C . -17.04 11.81 -29.95
O1 GOL C . -17.21 10.98 -28.81
C2 GOL C . -16.48 13.16 -29.59
O2 GOL C . -15.86 13.13 -28.30
C3 GOL C . -15.52 13.72 -30.62
O3 GOL C . -14.78 14.82 -30.13
C1 GOL D . 9.64 -14.98 16.33
O1 GOL D . 10.12 -13.89 17.11
C2 GOL D . 9.31 -14.54 14.92
O2 GOL D . 8.67 -15.61 14.22
C3 GOL D . 10.52 -14.06 14.15
O3 GOL D . 10.14 -13.26 13.03
K K E . -11.28 7.32 -27.72
K K F . 7.56 -22.85 19.29
K K G . -10.43 4.25 -30.22
K K H . 35.99 -0.36 -10.16
K K I . 44.92 -17.83 2.40
K K J . 33.55 -14.11 4.30
MG MG K . 15.96 -4.24 -4.07
C1 GOL L . -10.98 9.03 -16.92
O1 GOL L . -11.51 8.02 -16.06
C2 GOL L . -11.22 8.69 -18.38
O2 GOL L . -10.69 7.38 -18.67
C3 GOL L . -10.63 9.70 -19.35
O3 GOL L . -10.66 11.01 -18.80
K K M . -36.15 5.20 13.07
K K N . 5.03 -25.96 18.44
#